data_4BRH
#
_entry.id   4BRH
#
_cell.length_a   62.435
_cell.length_b   85.759
_cell.length_c   72.306
_cell.angle_alpha   90.00
_cell.angle_beta   106.44
_cell.angle_gamma   90.00
#
_symmetry.space_group_name_H-M   'P 1 21 1'
#
loop_
_entity.id
_entity.type
_entity.pdbx_description
1 polymer 'ECTONUCLEOSIDE TRIPHOSPHATE DIPHOSPHOHYDROLASE I'
2 non-polymer THIAMINE-PHOSPHOVANADATE
3 non-polymer 'MAGNESIUM ION'
4 non-polymer '2-(N-MORPHOLINO)-ETHANESULFONIC ACID'
5 non-polymer DECAVANADATE
6 non-polymer 'CHLORIDE ION'
7 non-polymer GLYCEROL
8 water water
#
_entity_poly.entity_id   1
_entity_poly.type   'polypeptide(L)'
_entity_poly.pdbx_seq_one_letter_code
;MDTNPCEKHSCIAVIDAGSTGSRLHIYSYDTDDTNTPIHIEEIWNKKIKPGFASIQPNSVTIDAYLTMLLADAPIHNIPV
YFYATAGMRLLPQSQQKKYYDELDYWFRQQSQWQLVEAKTITGNDEALFDWLAVNYKLDTLKSVQNKSVGVMDMGGASVQ
IVFPMPKNAEISKHNQVELNIYGQNINLYVHSFLGLGQTEMSHQFLNSPSCFANDYPLPDGESGQGNAPSCKEEVTSLMN
SVHKVNQQIQPLLALNPVNEWYSIGGISNLASSQLFHFENSELTNQSLLQQGDNQICHQQWDILNGQYPDDEYLYQYCLL
SSYYYALMVDGYGINPNQTIHYIPPEQNLDWTIGVVLHRALEHHHHHH
;
_entity_poly.pdbx_strand_id   A,B
#
loop_
_chem_comp.id
_chem_comp.type
_chem_comp.name
_chem_comp.formula
CL non-polymer 'CHLORIDE ION' 'Cl -1'
DVT non-polymer DECAVANADATE 'O28 V10 -6'
GOL non-polymer GLYCEROL 'C3 H8 O3'
MES non-polymer '2-(N-MORPHOLINO)-ETHANESULFONIC ACID' 'C6 H13 N O4 S'
MG non-polymer 'MAGNESIUM ION' 'Mg 2'
TMV non-polymer THIAMINE-PHOSPHOVANADATE 'C12 H21 N4 O8 P S V 1'
#
# COMPACT_ATOMS: atom_id res chain seq x y z
N MET A 1 9.76 39.21 -11.82
CA MET A 1 8.84 38.56 -12.79
C MET A 1 8.11 39.62 -13.55
N ASP A 2 7.96 39.40 -14.86
CA ASP A 2 7.14 40.25 -15.72
C ASP A 2 5.64 40.03 -15.43
N THR A 3 4.84 41.05 -15.70
CA THR A 3 3.38 40.88 -15.89
C THR A 3 3.22 40.05 -17.17
N ASN A 4 2.37 39.02 -17.11
CA ASN A 4 2.15 38.16 -18.29
C ASN A 4 3.47 37.55 -18.79
N PRO A 5 4.17 36.82 -17.92
CA PRO A 5 5.52 36.29 -18.25
C PRO A 5 5.53 35.47 -19.55
N CYS A 6 4.47 34.72 -19.85
CA CYS A 6 4.50 33.85 -21.07
C CYS A 6 4.26 34.64 -22.37
N GLU A 7 4.02 35.92 -22.27
CA GLU A 7 3.99 36.74 -23.51
C GLU A 7 5.38 37.30 -23.79
N LYS A 8 6.33 37.08 -22.87
CA LYS A 8 7.71 37.60 -22.93
C LYS A 8 8.82 36.52 -22.93
N HIS A 9 8.42 35.30 -22.60
CA HIS A 9 9.35 34.18 -22.42
C HIS A 9 8.71 32.88 -22.83
N SER A 10 9.53 31.88 -23.11
CA SER A 10 8.98 30.55 -23.30
C SER A 10 8.35 30.03 -22.01
N CYS A 11 7.32 29.22 -22.16
CA CYS A 11 6.64 28.62 -20.98
C CYS A 11 6.31 27.16 -21.22
N ILE A 12 6.31 26.36 -20.16
CA ILE A 12 5.96 24.96 -20.30
C ILE A 12 5.25 24.59 -18.98
N ALA A 13 4.28 23.66 -19.07
CA ALA A 13 3.63 23.09 -17.88
C ALA A 13 4.16 21.72 -17.59
N VAL A 14 4.53 21.43 -16.33
CA VAL A 14 4.97 20.08 -16.02
C VAL A 14 4.15 19.64 -14.83
N ILE A 15 3.53 18.47 -14.97
CA ILE A 15 2.65 17.94 -13.86
C ILE A 15 3.37 16.77 -13.21
N ASP A 16 3.58 16.89 -11.90
CA ASP A 16 4.10 15.76 -11.09
C ASP A 16 2.87 15.02 -10.59
N ALA A 17 2.61 13.83 -11.17
CA ALA A 17 1.43 13.04 -10.72
C ALA A 17 1.97 11.98 -9.77
N GLY A 18 2.12 12.40 -8.47
CA GLY A 18 2.70 11.54 -7.44
C GLY A 18 1.68 10.67 -6.74
N SER A 19 2.17 9.80 -5.89
CA SER A 19 1.30 8.84 -5.24
C SER A 19 0.32 9.52 -4.31
N THR A 20 0.67 10.68 -3.75
CA THR A 20 -0.25 11.32 -2.80
C THR A 20 -1.00 12.51 -3.39
N GLY A 21 -0.66 12.92 -4.63
CA GLY A 21 -1.36 14.07 -5.19
C GLY A 21 -0.68 14.47 -6.48
N SER A 22 -1.31 15.43 -7.18
CA SER A 22 -0.70 15.93 -8.43
C SER A 22 -0.34 17.42 -8.27
N ARG A 23 0.79 17.83 -8.87
CA ARG A 23 1.26 19.23 -8.71
C ARG A 23 1.54 19.76 -10.09
N LEU A 24 0.73 20.77 -10.51
CA LEU A 24 0.99 21.47 -11.78
C LEU A 24 1.98 22.58 -11.49
N HIS A 25 3.05 22.62 -12.28
CA HIS A 25 3.90 23.81 -12.33
C HIS A 25 3.89 24.40 -13.70
N ILE A 26 3.89 25.73 -13.79
CA ILE A 26 4.16 26.38 -15.07
C ILE A 26 5.41 27.20 -14.88
N TYR A 27 6.37 27.02 -15.78
CA TYR A 27 7.69 27.63 -15.72
C TYR A 27 7.83 28.52 -16.92
N SER A 28 8.32 29.74 -16.67
CA SER A 28 8.85 30.54 -17.76
C SER A 28 10.35 30.32 -17.83
N TYR A 29 10.92 30.43 -19.03
CA TYR A 29 12.37 30.37 -19.16
C TYR A 29 12.84 31.10 -20.44
N ASP A 30 14.13 31.42 -20.45
CA ASP A 30 14.78 31.81 -21.68
C ASP A 30 15.70 30.70 -22.13
N THR A 31 16.36 30.87 -23.26
CA THR A 31 17.29 29.79 -23.65
C THR A 31 18.60 30.35 -24.04
N ASP A 32 19.66 29.59 -23.83
CA ASP A 32 20.96 30.06 -24.26
C ASP A 32 21.22 29.71 -25.74
N ASP A 33 22.48 29.80 -26.14
CA ASP A 33 22.92 29.48 -27.50
C ASP A 33 22.59 28.09 -28.02
N THR A 34 22.38 27.13 -27.13
CA THR A 34 22.06 25.77 -27.56
C THR A 34 20.60 25.48 -27.43
N ASN A 35 19.83 26.54 -27.17
CA ASN A 35 18.41 26.42 -26.93
C ASN A 35 18.12 25.64 -25.64
N THR A 36 19.08 25.66 -24.72
CA THR A 36 18.89 25.07 -23.39
C THR A 36 18.26 26.10 -22.45
N PRO A 37 17.23 25.69 -21.71
CA PRO A 37 16.61 26.64 -20.77
C PRO A 37 17.61 27.21 -19.75
N ILE A 38 17.45 28.52 -19.51
CA ILE A 38 18.08 29.26 -18.43
C ILE A 38 17.02 30.18 -17.80
N HIS A 39 17.31 30.73 -16.62
CA HIS A 39 16.39 31.66 -15.95
C HIS A 39 15.03 31.04 -15.77
N ILE A 40 15.02 29.75 -15.41
CA ILE A 40 13.75 29.04 -15.13
C ILE A 40 13.07 29.60 -13.89
N GLU A 41 11.82 30.01 -14.05
CA GLU A 41 11.08 30.61 -12.94
C GLU A 41 9.72 29.98 -12.89
N GLU A 42 9.30 29.58 -11.70
CA GLU A 42 7.93 29.04 -11.59
C GLU A 42 6.98 30.24 -11.56
N ILE A 43 6.03 30.27 -12.46
CA ILE A 43 5.03 31.35 -12.44
C ILE A 43 3.63 30.93 -11.97
N TRP A 44 3.41 29.62 -11.85
CA TRP A 44 2.14 29.12 -11.30
C TRP A 44 2.39 27.75 -10.72
N ASN A 45 1.68 27.42 -9.66
CA ASN A 45 1.77 26.11 -9.05
C ASN A 45 0.34 25.82 -8.59
N LYS A 46 -0.12 24.59 -8.75
CA LYS A 46 -1.39 24.17 -8.13
C LYS A 46 -1.21 22.73 -7.70
N LYS A 47 -1.45 22.48 -6.43
CA LYS A 47 -1.35 21.11 -5.90
C LYS A 47 -2.72 20.59 -5.52
N ILE A 48 -3.08 19.38 -5.98
CA ILE A 48 -4.35 18.72 -5.60
C ILE A 48 -4.11 17.31 -5.06
N LYS A 49 -5.05 16.88 -4.22
CA LYS A 49 -5.09 15.50 -3.71
C LYS A 49 -6.43 14.93 -4.07
N PRO A 50 -6.54 13.60 -4.16
CA PRO A 50 -5.52 12.58 -3.86
C PRO A 50 -4.71 12.32 -5.12
N GLY A 51 -3.91 11.27 -5.11
CA GLY A 51 -3.10 10.91 -6.27
C GLY A 51 -3.94 10.45 -7.44
N PHE A 52 -3.38 10.64 -8.63
CA PHE A 52 -4.08 10.27 -9.86
C PHE A 52 -4.43 8.78 -9.90
N ALA A 53 -3.50 7.95 -9.45
CA ALA A 53 -3.68 6.49 -9.52
C ALA A 53 -4.79 6.04 -8.57
N SER A 54 -5.16 6.92 -7.64
CA SER A 54 -6.18 6.51 -6.67
CA SER A 54 -6.18 6.64 -6.61
C SER A 54 -7.61 6.77 -7.12
N ILE A 55 -7.80 7.42 -8.26
CA ILE A 55 -9.16 7.68 -8.77
C ILE A 55 -9.64 6.51 -9.62
N GLN A 56 -10.96 6.38 -9.83
CA GLN A 56 -11.46 5.36 -10.74
C GLN A 56 -11.44 5.94 -12.15
N PRO A 57 -10.71 5.34 -13.06
CA PRO A 57 -10.53 6.06 -14.30
C PRO A 57 -11.72 5.88 -15.26
N ASN A 58 -12.49 6.93 -15.44
CA ASN A 58 -13.54 6.95 -16.44
C ASN A 58 -13.63 8.38 -16.84
N SER A 59 -14.39 8.66 -17.90
CA SER A 59 -14.45 9.99 -18.46
C SER A 59 -14.88 11.06 -17.42
N VAL A 60 -15.85 10.74 -16.56
CA VAL A 60 -16.40 11.70 -15.60
C VAL A 60 -15.37 12.08 -14.51
N THR A 61 -14.80 11.05 -13.92
N THR A 61 -14.81 11.07 -13.87
CA THR A 61 -13.81 11.21 -12.85
CA THR A 61 -13.79 11.32 -12.84
C THR A 61 -12.50 11.84 -13.35
C THR A 61 -12.54 11.99 -13.43
N ILE A 62 -12.08 11.51 -14.58
CA ILE A 62 -10.84 12.13 -15.17
C ILE A 62 -11.12 13.60 -15.53
N ASP A 63 -12.26 13.88 -16.16
CA ASP A 63 -12.63 15.27 -16.39
C ASP A 63 -12.65 16.06 -15.06
N ALA A 64 -13.25 15.52 -14.01
CA ALA A 64 -13.33 16.26 -12.74
C ALA A 64 -11.91 16.54 -12.20
N TYR A 65 -11.02 15.55 -12.31
CA TYR A 65 -9.65 15.66 -11.76
C TYR A 65 -8.82 16.64 -12.51
N LEU A 66 -8.82 16.49 -13.83
CA LEU A 66 -8.07 17.40 -14.69
C LEU A 66 -8.63 18.84 -14.66
N THR A 67 -9.96 19.00 -14.53
CA THR A 67 -10.51 20.37 -14.40
C THR A 67 -10.01 21.03 -13.11
N MET A 68 -10.07 20.27 -12.02
CA MET A 68 -9.60 20.77 -10.72
C MET A 68 -8.11 21.12 -10.79
N LEU A 69 -7.34 20.33 -11.51
CA LEU A 69 -5.91 20.56 -11.50
C LEU A 69 -5.55 21.76 -12.42
N LEU A 70 -6.25 21.88 -13.56
CA LEU A 70 -5.79 22.77 -14.66
C LEU A 70 -6.63 24.00 -14.93
N ALA A 71 -7.93 23.95 -14.65
CA ALA A 71 -8.83 24.99 -15.19
C ALA A 71 -8.48 26.41 -14.83
N ASP A 72 -8.05 26.62 -13.59
CA ASP A 72 -7.82 28.00 -13.12
C ASP A 72 -6.38 28.51 -13.42
N ALA A 73 -5.58 27.71 -14.14
CA ALA A 73 -4.23 28.17 -14.51
C ALA A 73 -4.33 29.48 -15.34
N PRO A 74 -3.37 30.42 -15.16
CA PRO A 74 -3.43 31.75 -15.80
C PRO A 74 -3.17 31.72 -17.29
N ILE A 75 -2.47 30.69 -17.75
CA ILE A 75 -2.18 30.49 -19.16
C ILE A 75 -2.32 28.99 -19.48
N HIS A 76 -2.97 28.69 -20.62
CA HIS A 76 -3.21 27.29 -21.01
C HIS A 76 -2.57 26.92 -22.37
N ASN A 77 -2.22 27.92 -23.24
CA ASN A 77 -1.78 27.62 -24.61
C ASN A 77 -0.26 27.33 -24.69
N ILE A 78 0.18 26.29 -23.98
CA ILE A 78 1.55 25.94 -23.79
C ILE A 78 1.70 24.41 -23.75
N PRO A 79 2.91 23.93 -23.97
CA PRO A 79 3.14 22.48 -23.92
C PRO A 79 2.96 21.96 -22.50
N VAL A 80 2.43 20.73 -22.39
CA VAL A 80 2.23 20.05 -21.09
C VAL A 80 2.87 18.71 -21.07
N TYR A 81 3.59 18.40 -19.98
CA TYR A 81 4.08 17.06 -19.73
C TYR A 81 3.37 16.56 -18.52
N PHE A 82 2.69 15.41 -18.62
CA PHE A 82 2.03 14.81 -17.41
C PHE A 82 2.82 13.55 -17.08
N TYR A 83 3.61 13.57 -16.01
CA TYR A 83 4.51 12.46 -15.69
C TYR A 83 4.11 11.91 -14.33
N ALA A 84 3.61 10.65 -14.33
CA ALA A 84 3.21 10.03 -13.07
C ALA A 84 4.38 9.21 -12.58
N THR A 85 4.46 9.11 -11.27
CA THR A 85 5.54 8.37 -10.60
C THR A 85 5.01 7.11 -9.87
N ALA A 86 5.43 6.93 -8.63
CA ALA A 86 5.31 5.57 -8.03
C ALA A 86 3.86 5.12 -7.80
N GLY A 87 2.94 6.06 -7.62
CA GLY A 87 1.51 5.62 -7.47
C GLY A 87 1.07 4.79 -8.67
N MET A 88 1.37 5.29 -9.88
CA MET A 88 0.95 4.57 -11.08
C MET A 88 1.82 3.33 -11.26
N ARG A 89 3.07 3.34 -10.80
CA ARG A 89 3.92 2.15 -10.97
CA ARG A 89 3.93 2.14 -10.90
C ARG A 89 3.41 0.94 -10.16
N LEU A 90 2.55 1.21 -9.16
CA LEU A 90 1.93 0.12 -8.42
C LEU A 90 0.91 -0.66 -9.21
N LEU A 91 0.46 -0.13 -10.34
CA LEU A 91 -0.52 -0.77 -11.21
C LEU A 91 0.11 -1.39 -12.43
N PRO A 92 -0.43 -2.52 -12.90
CA PRO A 92 0.11 -3.08 -14.16
C PRO A 92 -0.23 -2.16 -15.36
N GLN A 93 0.57 -2.24 -16.43
CA GLN A 93 0.36 -1.44 -17.65
C GLN A 93 -1.08 -1.55 -18.18
N SER A 94 -1.65 -2.75 -18.18
CA SER A 94 -3.05 -2.92 -18.60
C SER A 94 -4.04 -1.99 -17.87
N GLN A 95 -3.85 -1.83 -16.56
CA GLN A 95 -4.73 -0.99 -15.72
C GLN A 95 -4.38 0.49 -15.88
N GLN A 96 -3.08 0.79 -16.02
CA GLN A 96 -2.64 2.19 -16.26
C GLN A 96 -3.20 2.72 -17.58
N LYS A 97 -3.33 1.84 -18.56
CA LYS A 97 -3.80 2.24 -19.90
C LYS A 97 -5.12 2.98 -19.87
N LYS A 98 -6.08 2.52 -19.04
CA LYS A 98 -7.38 3.16 -18.92
CA LYS A 98 -7.38 3.19 -19.00
C LYS A 98 -7.23 4.63 -18.55
N TYR A 99 -6.38 4.87 -17.55
CA TYR A 99 -6.11 6.23 -17.15
C TYR A 99 -5.58 7.07 -18.31
N TYR A 100 -4.57 6.59 -19.03
CA TYR A 100 -3.97 7.42 -20.06
C TYR A 100 -4.88 7.57 -21.25
N ASP A 101 -5.66 6.53 -21.56
CA ASP A 101 -6.63 6.65 -22.68
C ASP A 101 -7.66 7.77 -22.37
N GLU A 102 -8.13 7.83 -21.13
CA GLU A 102 -9.12 8.86 -20.70
C GLU A 102 -8.45 10.23 -20.66
N LEU A 103 -7.23 10.27 -20.12
CA LEU A 103 -6.47 11.50 -20.09
C LEU A 103 -6.20 12.06 -21.50
N ASP A 104 -5.75 11.19 -22.41
CA ASP A 104 -5.48 11.61 -23.81
CA ASP A 104 -5.48 11.69 -23.76
C ASP A 104 -6.75 12.20 -24.43
N TYR A 105 -7.85 11.51 -24.24
CA TYR A 105 -9.10 11.94 -24.82
C TYR A 105 -9.48 13.31 -24.28
N TRP A 106 -9.33 13.50 -22.96
CA TRP A 106 -9.66 14.79 -22.38
C TRP A 106 -8.85 15.92 -23.00
N PHE A 107 -7.55 15.73 -23.14
CA PHE A 107 -6.70 16.72 -23.81
C PHE A 107 -7.08 16.96 -25.28
N ARG A 108 -7.43 15.90 -25.99
CA ARG A 108 -7.79 16.07 -27.40
C ARG A 108 -9.14 16.79 -27.52
N GLN A 109 -9.98 16.74 -26.47
CA GLN A 109 -11.28 17.47 -26.42
C GLN A 109 -11.22 18.95 -26.20
N GLN A 110 -10.03 19.49 -25.97
CA GLN A 110 -9.94 20.90 -25.71
C GLN A 110 -8.87 21.45 -26.65
N SER A 111 -8.74 22.77 -26.71
CA SER A 111 -7.98 23.33 -27.80
C SER A 111 -6.90 24.33 -27.35
N GLN A 112 -6.60 24.35 -26.04
CA GLN A 112 -5.59 25.25 -25.47
C GLN A 112 -4.32 24.52 -25.05
N TRP A 113 -4.44 23.69 -24.01
CA TRP A 113 -3.27 22.92 -23.53
C TRP A 113 -2.69 22.08 -24.69
N GLN A 114 -1.34 21.99 -24.77
CA GLN A 114 -0.70 21.22 -25.85
C GLN A 114 -0.03 20.00 -25.27
N LEU A 115 -0.75 18.88 -25.14
CA LEU A 115 -0.15 17.73 -24.49
C LEU A 115 1.02 17.15 -25.28
N VAL A 116 2.19 17.16 -24.67
CA VAL A 116 3.37 16.55 -25.28
C VAL A 116 3.48 15.08 -24.97
N GLU A 117 3.41 14.72 -23.69
CA GLU A 117 3.43 13.32 -23.33
CA GLU A 117 3.63 13.36 -23.22
C GLU A 117 2.75 13.18 -22.00
N ALA A 118 2.05 12.04 -21.86
CA ALA A 118 1.45 11.70 -20.56
C ALA A 118 1.80 10.25 -20.36
N LYS A 119 2.61 9.99 -19.34
CA LYS A 119 3.09 8.64 -19.14
C LYS A 119 3.55 8.48 -17.72
N THR A 120 3.81 7.23 -17.36
CA THR A 120 4.41 6.91 -16.09
C THR A 120 5.87 6.82 -16.37
N ILE A 121 6.66 7.54 -15.57
CA ILE A 121 8.11 7.51 -15.75
C ILE A 121 8.69 6.47 -14.81
N THR A 122 9.80 5.85 -15.21
CA THR A 122 10.48 4.93 -14.24
C THR A 122 11.08 5.71 -13.03
N GLY A 123 11.33 4.98 -11.94
CA GLY A 123 11.93 5.59 -10.75
C GLY A 123 13.32 6.06 -11.13
N ASN A 124 13.96 5.43 -12.14
CA ASN A 124 15.30 5.92 -12.55
C ASN A 124 15.21 7.28 -13.21
N ASP A 125 14.17 7.50 -14.03
CA ASP A 125 14.00 8.81 -14.64
C ASP A 125 13.61 9.84 -13.60
N GLU A 126 12.77 9.43 -12.65
CA GLU A 126 12.36 10.32 -11.57
C GLU A 126 13.63 10.75 -10.80
N ALA A 127 14.53 9.79 -10.55
CA ALA A 127 15.81 10.09 -9.86
C ALA A 127 16.62 11.07 -10.66
N LEU A 128 16.68 10.88 -11.97
CA LEU A 128 17.47 11.80 -12.80
C LEU A 128 16.87 13.21 -12.64
N PHE A 129 15.56 13.31 -12.77
CA PHE A 129 14.92 14.65 -12.60
C PHE A 129 15.10 15.24 -11.21
N ASP A 130 15.15 14.37 -10.19
CA ASP A 130 15.43 14.81 -8.82
C ASP A 130 16.78 15.50 -8.79
N TRP A 131 17.78 14.88 -9.43
CA TRP A 131 19.12 15.42 -9.28
C TRP A 131 19.21 16.69 -10.06
N LEU A 132 18.59 16.74 -11.24
CA LEU A 132 18.74 17.95 -12.08
C LEU A 132 18.04 19.13 -11.42
N ALA A 133 16.86 18.89 -10.85
CA ALA A 133 16.06 19.96 -10.25
C ALA A 133 16.81 20.56 -9.06
N VAL A 134 17.35 19.72 -8.19
CA VAL A 134 18.06 20.27 -7.03
C VAL A 134 19.36 20.96 -7.39
N ASN A 135 20.10 20.37 -8.32
CA ASN A 135 21.32 20.99 -8.77
C ASN A 135 21.11 22.26 -9.58
N TYR A 136 19.99 22.33 -10.31
CA TYR A 136 19.62 23.59 -10.93
C TYR A 136 19.46 24.68 -9.86
N LYS A 137 18.73 24.36 -8.79
CA LYS A 137 18.41 25.36 -7.73
C LYS A 137 19.64 25.73 -6.95
N LEU A 138 20.58 24.80 -6.81
CA LEU A 138 21.88 25.03 -6.16
C LEU A 138 22.88 25.74 -7.06
N ASP A 139 22.51 25.90 -8.34
CA ASP A 139 23.41 26.47 -9.38
C ASP A 139 24.75 25.73 -9.52
N THR A 140 24.69 24.40 -9.53
CA THR A 140 25.89 23.60 -9.76
C THR A 140 26.04 23.02 -11.17
N LEU A 141 25.09 23.33 -12.06
CA LEU A 141 25.11 22.76 -13.41
C LEU A 141 25.99 23.51 -14.42
N LYS A 142 26.16 24.82 -14.23
CA LYS A 142 26.90 25.67 -15.18
C LYS A 142 28.37 25.25 -15.31
N SER A 143 28.97 24.84 -14.19
CA SER A 143 30.39 24.54 -14.15
C SER A 143 30.72 23.21 -13.47
N VAL A 144 31.92 22.69 -13.80
CA VAL A 144 32.43 21.41 -13.26
C VAL A 144 32.68 21.58 -11.77
N GLN A 145 32.16 20.65 -10.97
CA GLN A 145 32.15 20.81 -9.52
C GLN A 145 33.32 20.18 -8.79
N ASN A 146 33.76 20.84 -7.72
CA ASN A 146 34.82 20.33 -6.85
C ASN A 146 34.28 19.24 -5.93
N LYS A 147 32.97 19.23 -5.75
CA LYS A 147 32.42 18.27 -4.84
C LYS A 147 31.20 17.57 -5.39
N SER A 148 30.91 16.43 -4.79
CA SER A 148 29.86 15.55 -5.24
CA SER A 148 29.84 15.57 -5.26
C SER A 148 28.57 15.90 -4.47
N VAL A 149 27.46 16.14 -5.19
CA VAL A 149 26.16 16.47 -4.59
C VAL A 149 25.29 15.23 -4.81
N GLY A 150 24.72 14.70 -3.74
CA GLY A 150 23.83 13.53 -3.91
C GLY A 150 22.44 14.03 -3.50
N VAL A 151 21.40 13.41 -4.05
CA VAL A 151 20.03 13.80 -3.82
C VAL A 151 19.22 12.58 -3.41
N MET A 152 18.35 12.80 -2.40
CA MET A 152 17.41 11.74 -2.00
C MET A 152 16.02 12.35 -2.09
N ASP A 153 15.08 11.61 -2.69
CA ASP A 153 13.69 12.04 -2.73
C ASP A 153 12.87 10.99 -2.00
N MET A 154 12.24 11.45 -0.92
CA MET A 154 11.43 10.65 -0.08
C MET A 154 9.96 10.79 -0.47
N GLY A 155 9.39 9.81 -1.18
CA GLY A 155 8.00 9.93 -1.67
C GLY A 155 7.06 9.00 -0.87
N GLY A 156 5.82 9.00 -1.29
CA GLY A 156 4.77 8.17 -0.63
C GLY A 156 4.90 6.70 -0.96
N ALA A 157 5.33 6.37 -2.17
CA ALA A 157 5.40 4.95 -2.54
C ALA A 157 6.80 4.51 -2.94
N SER A 158 7.63 5.45 -3.43
CA SER A 158 9.04 5.12 -3.73
C SER A 158 9.95 6.15 -3.11
N VAL A 159 11.20 5.74 -2.96
CA VAL A 159 12.31 6.67 -2.61
C VAL A 159 13.36 6.57 -3.67
N GLN A 160 14.01 7.71 -3.96
CA GLN A 160 15.11 7.65 -4.91
C GLN A 160 16.40 8.14 -4.27
N ILE A 161 17.50 7.62 -4.81
CA ILE A 161 18.82 8.10 -4.46
C ILE A 161 19.58 8.29 -5.76
N VAL A 162 20.36 9.38 -5.86
CA VAL A 162 21.07 9.67 -7.12
C VAL A 162 22.36 10.45 -6.77
N PHE A 163 23.48 10.04 -7.34
CA PHE A 163 24.77 10.74 -7.05
C PHE A 163 25.72 10.52 -8.22
N PRO A 164 26.75 11.35 -8.30
CA PRO A 164 27.70 11.20 -9.42
C PRO A 164 28.43 9.88 -9.33
N MET A 165 28.59 9.23 -10.49
CA MET A 165 29.41 8.01 -10.58
C MET A 165 29.87 7.80 -12.00
N PRO A 166 31.19 7.62 -12.18
CA PRO A 166 31.57 7.37 -13.57
C PRO A 166 30.94 6.10 -14.13
N LYS A 167 30.80 6.03 -15.44
CA LYS A 167 30.23 4.85 -16.12
C LYS A 167 30.89 3.58 -15.60
N ASN A 168 30.06 2.59 -15.33
CA ASN A 168 30.55 1.33 -14.77
C ASN A 168 29.86 0.23 -15.52
N ALA A 169 30.66 -0.50 -16.32
CA ALA A 169 30.04 -1.49 -17.19
C ALA A 169 29.52 -2.71 -16.46
N GLU A 170 29.86 -2.87 -15.17
CA GLU A 170 29.32 -4.00 -14.39
C GLU A 170 27.97 -3.71 -13.74
N ILE A 171 27.50 -2.47 -13.89
CA ILE A 171 26.23 -2.04 -13.29
C ILE A 171 25.23 -1.87 -14.44
N SER A 172 23.99 -2.24 -14.17
CA SER A 172 22.91 -2.15 -15.18
C SER A 172 22.93 -0.78 -15.83
N LYS A 173 22.76 -0.74 -17.15
CA LYS A 173 22.58 0.54 -17.81
C LYS A 173 21.35 1.32 -17.30
N HIS A 174 20.33 0.65 -16.76
CA HIS A 174 19.19 1.39 -16.28
C HIS A 174 19.51 2.27 -15.08
N ASN A 175 20.55 1.92 -14.32
CA ASN A 175 20.88 2.68 -13.11
C ASN A 175 21.96 3.73 -13.35
N GLN A 176 22.22 4.06 -14.63
CA GLN A 176 23.26 5.06 -14.97
C GLN A 176 22.74 6.00 -16.05
N VAL A 177 23.11 7.27 -15.94
CA VAL A 177 22.71 8.25 -16.93
CA VAL A 177 22.70 8.32 -16.89
C VAL A 177 23.90 9.17 -17.20
N GLU A 178 24.19 9.35 -18.49
CA GLU A 178 25.19 10.33 -18.91
C GLU A 178 24.44 11.50 -19.54
N LEU A 179 24.70 12.71 -19.07
CA LEU A 179 24.10 13.83 -19.77
C LEU A 179 25.10 14.90 -20.10
N ASN A 180 24.76 15.72 -21.10
CA ASN A 180 25.59 16.86 -21.42
C ASN A 180 24.74 18.09 -21.32
N ILE A 181 25.11 18.96 -20.41
CA ILE A 181 24.29 20.18 -20.18
C ILE A 181 25.18 21.35 -19.84
N TYR A 182 24.90 22.50 -20.46
CA TYR A 182 25.71 23.70 -20.28
C TYR A 182 27.18 23.36 -20.60
N GLY A 183 27.39 22.44 -21.57
CA GLY A 183 28.72 22.04 -22.02
C GLY A 183 29.54 21.25 -20.99
N GLN A 184 28.85 20.74 -19.96
CA GLN A 184 29.54 19.83 -19.05
CA GLN A 184 29.49 19.86 -18.97
C GLN A 184 28.95 18.43 -19.10
N ASN A 185 29.83 17.44 -18.99
CA ASN A 185 29.46 16.03 -19.13
C ASN A 185 29.27 15.46 -17.71
N ILE A 186 28.10 14.91 -17.42
CA ILE A 186 27.75 14.48 -16.06
C ILE A 186 27.32 13.02 -16.15
N ASN A 187 27.85 12.17 -15.26
CA ASN A 187 27.48 10.76 -15.22
C ASN A 187 26.92 10.48 -13.80
N LEU A 188 25.73 9.95 -13.73
CA LEU A 188 25.05 9.74 -12.43
C LEU A 188 24.65 8.29 -12.25
N TYR A 189 24.69 7.85 -11.00
CA TYR A 189 24.05 6.58 -10.63
C TYR A 189 22.66 6.95 -10.15
N VAL A 190 21.61 6.25 -10.63
CA VAL A 190 20.22 6.46 -10.19
C VAL A 190 19.61 5.14 -9.68
N HIS A 191 18.78 5.25 -8.63
CA HIS A 191 18.10 4.06 -8.13
C HIS A 191 16.83 4.50 -7.46
N SER A 192 15.77 3.71 -7.66
CA SER A 192 14.49 3.94 -6.95
C SER A 192 14.06 2.66 -6.27
N PHE A 193 13.47 2.77 -5.10
CA PHE A 193 13.03 1.60 -4.38
C PHE A 193 11.52 1.68 -4.24
N LEU A 194 10.83 0.85 -5.01
CA LEU A 194 9.34 0.86 -4.98
C LEU A 194 8.84 0.08 -3.79
N GLY A 195 7.93 0.65 -3.01
CA GLY A 195 7.43 0.00 -1.77
C GLY A 195 8.09 0.60 -0.56
N LEU A 196 9.22 1.36 -0.75
CA LEU A 196 9.89 1.91 0.43
C LEU A 196 9.55 3.42 0.68
N GLY A 197 8.61 3.98 -0.09
CA GLY A 197 8.05 5.30 0.26
C GLY A 197 7.23 5.20 1.53
N GLN A 198 6.95 6.33 2.10
CA GLN A 198 6.45 6.33 3.49
C GLN A 198 5.10 5.66 3.64
N THR A 199 4.20 5.87 2.69
CA THR A 199 2.89 5.24 2.83
C THR A 199 2.98 3.72 2.74
N GLU A 200 3.64 3.23 1.70
CA GLU A 200 3.72 1.79 1.49
C GLU A 200 4.51 1.09 2.61
N MET A 201 5.61 1.72 3.06
CA MET A 201 6.44 1.09 4.09
C MET A 201 5.61 1.05 5.38
N SER A 202 4.84 2.11 5.65
CA SER A 202 4.14 2.17 6.94
C SER A 202 3.14 1.04 7.11
N HIS A 203 2.58 0.59 5.98
CA HIS A 203 1.53 -0.44 6.03
C HIS A 203 2.08 -1.78 6.46
N GLN A 204 3.40 -1.86 6.65
CA GLN A 204 3.97 -3.14 7.20
C GLN A 204 4.25 -3.06 8.71
N PHE A 205 4.04 -1.90 9.35
CA PHE A 205 4.43 -1.70 10.78
C PHE A 205 3.33 -1.12 11.65
N LEU A 206 2.09 -1.13 11.16
CA LEU A 206 1.03 -0.44 11.93
C LEU A 206 0.71 -1.12 13.24
N ASN A 207 1.01 -2.41 13.35
CA ASN A 207 0.82 -3.12 14.64
C ASN A 207 2.12 -3.33 15.41
N SER A 208 3.15 -2.51 15.14
CA SER A 208 4.44 -2.61 15.90
C SER A 208 4.39 -1.62 17.04
N PRO A 209 4.23 -2.10 18.32
CA PRO A 209 4.07 -1.08 19.35
C PRO A 209 5.33 -0.18 19.49
N SER A 210 6.53 -0.63 19.09
CA SER A 210 7.78 0.18 19.24
C SER A 210 7.76 1.38 18.30
N CYS A 211 6.85 1.32 17.33
CA CYS A 211 6.82 2.33 16.25
C CYS A 211 5.80 3.48 16.49
N PHE A 212 5.10 3.44 17.63
CA PHE A 212 4.04 4.43 17.96
C PHE A 212 4.20 4.96 19.37
N ALA A 213 3.67 6.18 19.59
CA ALA A 213 3.68 6.76 20.92
C ALA A 213 3.01 5.89 21.94
N ASN A 214 3.46 6.04 23.19
CA ASN A 214 2.83 5.27 24.28
C ASN A 214 1.32 5.46 24.33
N ASP A 215 0.61 4.34 24.37
CA ASP A 215 -0.86 4.32 24.44
C ASP A 215 -1.59 4.67 23.15
N TYR A 216 -0.85 4.90 22.07
CA TYR A 216 -1.51 5.04 20.76
C TYR A 216 -2.30 3.77 20.43
N PRO A 217 -3.57 3.91 20.03
CA PRO A 217 -4.35 2.67 19.79
C PRO A 217 -3.97 2.08 18.44
N LEU A 218 -3.28 0.95 18.45
CA LEU A 218 -2.92 0.28 17.21
C LEU A 218 -4.17 -0.40 16.63
N PRO A 219 -4.17 -0.64 15.30
CA PRO A 219 -5.42 -1.15 14.69
C PRO A 219 -5.87 -2.49 15.26
N ASP A 220 -4.93 -3.33 15.70
CA ASP A 220 -5.47 -4.62 16.11
CA ASP A 220 -5.17 -4.70 16.26
C ASP A 220 -5.66 -4.71 17.65
N GLY A 221 -5.77 -3.54 18.26
CA GLY A 221 -6.23 -3.45 19.62
C GLY A 221 -5.12 -3.41 20.66
N GLU A 222 -3.84 -3.55 20.25
CA GLU A 222 -2.72 -3.35 21.25
C GLU A 222 -2.39 -1.86 21.37
N SER A 223 -1.51 -1.54 22.32
CA SER A 223 -1.17 -0.12 22.59
C SER A 223 0.24 0.18 22.15
N GLY A 224 0.43 1.39 21.63
CA GLY A 224 1.82 1.83 21.35
C GLY A 224 2.68 1.79 22.60
N GLN A 225 3.99 1.54 22.40
CA GLN A 225 4.96 1.60 23.50
C GLN A 225 6.25 1.92 22.79
N GLY A 226 6.39 3.21 22.45
CA GLY A 226 7.39 3.54 21.43
C GLY A 226 8.83 3.44 21.87
N ASN A 227 9.65 2.99 20.92
CA ASN A 227 11.09 2.94 21.17
C ASN A 227 11.84 3.02 19.84
N ALA A 228 12.36 4.20 19.51
CA ALA A 228 12.84 4.39 18.13
C ALA A 228 13.92 3.39 17.72
N PRO A 229 14.90 3.07 18.60
CA PRO A 229 15.93 2.09 18.13
C PRO A 229 15.30 0.75 17.78
N SER A 230 14.27 0.33 18.50
CA SER A 230 13.58 -0.93 18.24
CA SER A 230 13.62 -0.93 18.22
C SER A 230 12.80 -0.83 16.93
N CYS A 231 12.07 0.29 16.78
CA CYS A 231 11.28 0.45 15.55
C CYS A 231 12.24 0.49 14.35
N LYS A 232 13.36 1.22 14.49
CA LYS A 232 14.32 1.34 13.38
C LYS A 232 14.82 -0.07 12.96
N GLU A 233 15.08 -0.96 13.92
CA GLU A 233 15.56 -2.30 13.54
C GLU A 233 14.49 -3.07 12.78
N GLU A 234 13.22 -2.86 13.14
CA GLU A 234 12.16 -3.54 12.34
C GLU A 234 12.12 -3.00 10.93
N VAL A 235 12.31 -1.70 10.79
CA VAL A 235 12.26 -1.11 9.44
C VAL A 235 13.49 -1.56 8.62
N THR A 236 14.65 -1.65 9.30
CA THR A 236 15.87 -2.12 8.63
C THR A 236 15.70 -3.51 8.08
N SER A 237 14.87 -4.35 8.71
CA SER A 237 14.64 -5.67 8.12
CA SER A 237 14.65 -5.67 8.12
C SER A 237 13.93 -5.58 6.75
N LEU A 238 12.97 -4.65 6.65
CA LEU A 238 12.35 -4.41 5.35
C LEU A 238 13.40 -3.87 4.35
N MET A 239 14.25 -2.95 4.83
CA MET A 239 15.22 -2.30 3.92
C MET A 239 16.20 -3.35 3.38
N ASN A 240 16.73 -4.19 4.28
CA ASN A 240 17.87 -4.99 3.90
C ASN A 240 17.53 -6.43 3.67
N SER A 241 16.77 -7.04 4.58
CA SER A 241 16.46 -8.46 4.39
C SER A 241 15.54 -8.66 3.23
N VAL A 242 14.65 -7.69 3.01
CA VAL A 242 13.71 -7.75 1.88
C VAL A 242 14.29 -7.05 0.66
N HIS A 243 14.45 -5.71 0.67
CA HIS A 243 14.89 -5.00 -0.55
C HIS A 243 16.38 -4.99 -0.89
N LYS A 244 17.18 -5.51 0.03
CA LYS A 244 18.63 -5.47 -0.14
C LYS A 244 19.19 -4.10 -0.45
N VAL A 245 18.65 -3.07 0.23
CA VAL A 245 19.15 -1.68 -0.07
C VAL A 245 20.68 -1.59 0.18
N ASN A 246 21.12 -2.10 1.32
CA ASN A 246 22.56 -1.87 1.65
CA ASN A 246 22.52 -2.01 1.71
C ASN A 246 23.49 -2.58 0.67
N GLN A 247 23.16 -3.77 0.24
CA GLN A 247 24.02 -4.53 -0.69
C GLN A 247 24.12 -3.85 -2.01
N GLN A 248 23.05 -3.16 -2.40
CA GLN A 248 23.03 -2.51 -3.71
C GLN A 248 23.71 -1.15 -3.66
N ILE A 249 23.48 -0.37 -2.59
CA ILE A 249 23.93 1.05 -2.55
C ILE A 249 25.27 1.26 -1.89
N GLN A 250 25.50 0.60 -0.77
CA GLN A 250 26.70 0.92 0.05
CA GLN A 250 26.71 0.90 0.02
C GLN A 250 28.03 0.73 -0.72
N PRO A 251 28.16 -0.38 -1.50
CA PRO A 251 29.43 -0.55 -2.24
C PRO A 251 29.71 0.59 -3.21
N LEU A 252 28.64 1.12 -3.84
CA LEU A 252 28.80 2.24 -4.76
C LEU A 252 29.09 3.57 -4.08
N LEU A 253 28.40 3.84 -2.95
CA LEU A 253 28.68 5.09 -2.24
C LEU A 253 30.07 5.09 -1.61
N ALA A 254 30.52 3.92 -1.09
CA ALA A 254 31.88 3.80 -0.56
C ALA A 254 32.92 4.27 -1.59
N LEU A 255 32.75 3.88 -2.86
CA LEU A 255 33.67 4.20 -3.98
C LEU A 255 33.43 5.57 -4.62
N ASN A 256 32.27 6.16 -4.36
CA ASN A 256 31.88 7.42 -5.03
C ASN A 256 31.32 8.36 -4.00
N PRO A 257 32.15 8.77 -3.02
CA PRO A 257 31.62 9.49 -1.87
C PRO A 257 30.88 10.75 -2.25
N VAL A 258 29.80 11.00 -1.54
CA VAL A 258 29.06 12.23 -1.65
C VAL A 258 29.49 13.21 -0.58
N ASN A 259 29.84 14.43 -1.00
CA ASN A 259 30.24 15.49 -0.08
C ASN A 259 29.08 16.31 0.50
N GLU A 260 28.01 16.50 -0.27
CA GLU A 260 26.82 17.16 0.27
CA GLU A 260 26.82 17.19 0.25
C GLU A 260 25.60 16.38 -0.13
N TRP A 261 24.76 16.09 0.85
CA TRP A 261 23.43 15.40 0.62
C TRP A 261 22.31 16.40 0.72
N TYR A 262 21.39 16.36 -0.27
CA TYR A 262 20.18 17.16 -0.20
C TYR A 262 18.98 16.23 -0.33
N SER A 263 17.95 16.46 0.46
CA SER A 263 16.77 15.57 0.42
C SER A 263 15.54 16.41 0.22
N ILE A 264 14.58 15.83 -0.51
CA ILE A 264 13.32 16.48 -0.77
C ILE A 264 12.27 15.44 -0.41
N GLY A 265 11.03 15.89 -0.32
CA GLY A 265 9.93 14.96 0.04
C GLY A 265 9.54 15.01 1.50
N GLY A 266 8.91 13.93 1.98
CA GLY A 266 8.33 13.96 3.33
C GLY A 266 9.26 14.28 4.45
N ILE A 267 10.56 14.03 4.27
CA ILE A 267 11.47 14.27 5.31
C ILE A 267 11.53 15.79 5.66
N SER A 268 11.31 16.63 4.66
CA SER A 268 11.30 18.10 4.92
C SER A 268 10.13 18.44 5.83
N ASN A 269 8.98 17.83 5.57
CA ASN A 269 7.82 18.12 6.41
C ASN A 269 8.05 17.63 7.83
N LEU A 270 8.62 16.41 8.01
N LEU A 270 8.64 16.44 7.98
CA LEU A 270 8.89 15.89 9.35
CA LEU A 270 8.90 15.90 9.31
C LEU A 270 9.82 16.85 10.11
C LEU A 270 9.87 16.76 10.12
N ALA A 271 10.97 17.18 9.48
CA ALA A 271 12.03 17.92 10.14
C ALA A 271 11.60 19.34 10.45
N SER A 272 10.56 19.81 9.74
CA SER A 272 10.02 21.16 10.01
C SER A 272 9.01 21.24 11.16
N SER A 273 8.61 20.11 11.75
CA SER A 273 7.64 20.12 12.85
C SER A 273 8.26 20.77 14.09
N GLN A 274 7.41 21.46 14.86
CA GLN A 274 7.95 22.06 16.09
CA GLN A 274 7.72 22.00 16.19
C GLN A 274 8.37 21.01 17.15
N LEU A 275 8.11 19.73 16.93
CA LEU A 275 8.59 18.66 17.82
C LEU A 275 10.10 18.54 17.68
N PHE A 276 10.65 19.07 16.57
CA PHE A 276 12.05 18.87 16.32
C PHE A 276 12.81 20.19 16.42
N HIS A 277 14.10 20.04 16.65
CA HIS A 277 15.00 21.17 16.79
C HIS A 277 16.14 21.00 15.78
N PHE A 278 16.06 21.73 14.68
CA PHE A 278 17.11 21.71 13.66
C PHE A 278 17.40 23.15 13.29
N GLU A 279 18.56 23.37 12.70
CA GLU A 279 18.96 24.73 12.28
C GLU A 279 19.42 24.61 10.84
N ASN A 280 19.32 25.73 10.12
CA ASN A 280 19.94 25.82 8.80
C ASN A 280 19.35 24.83 7.80
N SER A 281 18.12 24.37 8.04
CA SER A 281 17.47 23.39 7.16
CA SER A 281 17.48 23.40 7.16
C SER A 281 18.39 22.17 6.94
N GLU A 282 19.05 21.75 8.01
CA GLU A 282 19.79 20.48 7.94
C GLU A 282 19.54 19.66 9.18
N LEU A 283 19.76 18.36 9.03
CA LEU A 283 19.57 17.42 10.16
C LEU A 283 20.71 16.43 10.10
N THR A 284 20.87 15.63 11.17
CA THR A 284 21.63 14.42 11.07
C THR A 284 20.70 13.29 11.46
N ASN A 285 21.00 12.12 10.92
CA ASN A 285 20.18 10.98 11.25
C ASN A 285 20.22 10.65 12.75
N GLN A 286 21.40 10.78 13.39
CA GLN A 286 21.44 10.53 14.85
CA GLN A 286 21.53 10.63 14.86
C GLN A 286 20.51 11.46 15.62
N SER A 287 20.47 12.75 15.26
CA SER A 287 19.62 13.69 15.96
C SER A 287 18.15 13.45 15.68
N LEU A 288 17.80 13.13 14.42
CA LEU A 288 16.42 12.83 14.08
C LEU A 288 15.92 11.64 14.91
N LEU A 289 16.71 10.57 14.99
CA LEU A 289 16.26 9.37 15.72
C LEU A 289 16.15 9.70 17.20
N GLN A 290 17.11 10.40 17.77
CA GLN A 290 17.07 10.65 19.21
CA GLN A 290 17.08 10.68 19.21
C GLN A 290 15.90 11.60 19.54
N GLN A 291 15.68 12.60 18.70
CA GLN A 291 14.53 13.52 18.98
C GLN A 291 13.19 12.82 18.83
N GLY A 292 13.07 11.99 17.79
CA GLY A 292 11.84 11.27 17.62
C GLY A 292 11.64 10.33 18.79
N ASP A 293 12.75 9.70 19.26
CA ASP A 293 12.62 8.72 20.35
C ASP A 293 12.14 9.43 21.60
N ASN A 294 12.72 10.59 21.91
CA ASN A 294 12.37 11.25 23.13
CA ASN A 294 12.44 11.32 23.14
C ASN A 294 11.13 12.10 23.14
N GLN A 295 10.85 12.74 22.02
CA GLN A 295 9.70 13.66 21.96
C GLN A 295 8.42 13.04 21.47
N ILE A 296 8.47 11.85 20.83
CA ILE A 296 7.26 11.19 20.34
C ILE A 296 7.15 9.79 20.84
N CYS A 297 8.16 8.93 20.54
CA CYS A 297 8.03 7.51 20.85
C CYS A 297 7.72 7.25 22.34
N HIS A 298 8.44 7.99 23.21
CA HIS A 298 8.26 7.76 24.65
C HIS A 298 7.32 8.77 25.30
N GLN A 299 6.45 9.41 24.52
CA GLN A 299 5.49 10.34 25.08
C GLN A 299 4.08 9.79 24.97
N GLN A 300 3.14 10.37 25.71
CA GLN A 300 1.81 9.79 25.75
CA GLN A 300 1.77 9.83 25.78
C GLN A 300 0.98 10.31 24.59
N TRP A 301 0.36 9.38 23.87
CA TRP A 301 -0.35 9.76 22.63
C TRP A 301 -1.42 10.86 22.83
N ASP A 302 -2.32 10.70 23.80
CA ASP A 302 -3.41 11.65 23.87
CA ASP A 302 -3.43 11.63 24.05
C ASP A 302 -2.91 13.05 24.20
N ILE A 303 -1.82 13.13 24.94
CA ILE A 303 -1.15 14.43 25.24
C ILE A 303 -0.60 15.03 23.95
N LEU A 304 0.14 14.24 23.18
CA LEU A 304 0.74 14.71 21.94
C LEU A 304 -0.32 15.17 20.98
N ASN A 305 -1.42 14.37 20.91
CA ASN A 305 -2.43 14.67 19.94
C ASN A 305 -3.04 16.07 20.21
N GLY A 306 -3.28 16.37 21.50
CA GLY A 306 -3.98 17.64 21.88
C GLY A 306 -3.00 18.78 21.80
N GLN A 307 -1.72 18.46 21.90
CA GLN A 307 -0.67 19.47 21.93
C GLN A 307 -0.19 19.93 20.56
N TYR A 308 -0.41 19.13 19.51
CA TYR A 308 0.10 19.39 18.14
C TYR A 308 -1.08 19.16 17.19
N PRO A 309 -2.12 20.00 17.29
CA PRO A 309 -3.33 19.79 16.50
C PRO A 309 -3.14 20.01 15.00
N ASP A 310 -2.04 20.63 14.59
CA ASP A 310 -1.78 20.96 13.18
C ASP A 310 -0.85 19.97 12.47
N ASP A 311 -0.36 18.94 13.20
CA ASP A 311 0.54 17.97 12.58
C ASP A 311 -0.28 16.75 12.12
N GLU A 312 -0.74 16.75 10.87
CA GLU A 312 -1.64 15.68 10.34
C GLU A 312 -1.05 14.26 10.50
N TYR A 313 0.26 14.16 10.30
CA TYR A 313 0.97 12.87 10.28
C TYR A 313 1.59 12.59 11.66
N LEU A 314 1.21 13.33 12.70
CA LEU A 314 1.80 13.20 14.05
C LEU A 314 1.81 11.75 14.51
N TYR A 315 0.72 11.03 14.24
CA TYR A 315 0.64 9.64 14.75
C TYR A 315 1.79 8.74 14.22
N GLN A 316 2.38 9.13 13.07
CA GLN A 316 3.48 8.33 12.50
CA GLN A 316 3.48 8.40 12.44
C GLN A 316 4.87 8.94 12.80
N TYR A 317 4.96 9.99 13.62
CA TYR A 317 6.29 10.60 13.76
C TYR A 317 7.33 9.69 14.41
N CYS A 318 6.93 8.81 15.34
CA CYS A 318 7.90 7.87 15.90
C CYS A 318 8.38 6.90 14.79
N LEU A 319 7.43 6.36 14.01
CA LEU A 319 7.74 5.51 12.89
C LEU A 319 8.64 6.21 11.87
N LEU A 320 8.26 7.44 11.53
CA LEU A 320 8.94 8.07 10.39
C LEU A 320 10.37 8.40 10.79
N SER A 321 10.60 8.83 12.04
CA SER A 321 11.97 9.13 12.51
CA SER A 321 12.00 9.15 12.42
C SER A 321 12.83 7.88 12.41
N SER A 322 12.22 6.75 12.81
CA SER A 322 12.91 5.48 12.80
C SER A 322 13.17 5.02 11.37
N TYR A 323 12.16 5.21 10.50
CA TYR A 323 12.28 4.83 9.08
C TYR A 323 13.31 5.61 8.30
N TYR A 324 13.38 6.94 8.49
CA TYR A 324 14.40 7.70 7.70
C TYR A 324 15.78 7.24 8.13
N TYR A 325 15.95 6.94 9.43
CA TYR A 325 17.27 6.47 9.90
C TYR A 325 17.60 5.11 9.30
N ALA A 326 16.63 4.19 9.39
CA ALA A 326 16.80 2.89 8.77
C ALA A 326 17.22 2.98 7.28
N LEU A 327 16.51 3.83 6.53
CA LEU A 327 16.79 3.99 5.10
C LEU A 327 18.18 4.58 4.87
N MET A 328 18.45 5.72 5.50
CA MET A 328 19.69 6.44 5.18
C MET A 328 20.91 5.82 5.78
N VAL A 329 20.82 5.41 7.05
CA VAL A 329 22.03 4.90 7.75
C VAL A 329 22.18 3.40 7.49
N ASP A 330 21.18 2.58 7.89
CA ASP A 330 21.34 1.13 7.70
C ASP A 330 21.20 0.65 6.22
N GLY A 331 20.43 1.40 5.41
CA GLY A 331 20.25 1.08 3.97
C GLY A 331 21.40 1.67 3.16
N TYR A 332 21.37 2.98 2.96
CA TYR A 332 22.39 3.60 2.12
C TYR A 332 23.81 3.63 2.74
N GLY A 333 23.92 3.47 4.06
CA GLY A 333 25.24 3.45 4.70
C GLY A 333 25.78 4.81 5.02
N ILE A 334 24.92 5.84 5.00
CA ILE A 334 25.34 7.21 5.34
C ILE A 334 25.63 7.25 6.86
N ASN A 335 26.71 7.94 7.21
CA ASN A 335 27.05 8.05 8.63
C ASN A 335 25.93 8.80 9.40
N PRO A 336 25.60 8.35 10.60
CA PRO A 336 24.46 8.97 11.30
C PRO A 336 24.75 10.38 11.76
N ASN A 337 26.01 10.80 11.68
CA ASN A 337 26.36 12.21 12.04
C ASN A 337 26.59 13.09 10.85
N GLN A 338 26.41 12.54 9.64
CA GLN A 338 26.60 13.33 8.45
C GLN A 338 25.41 14.29 8.24
N THR A 339 25.73 15.57 7.98
CA THR A 339 24.66 16.52 7.63
C THR A 339 23.86 16.13 6.40
N ILE A 340 22.53 16.16 6.55
CA ILE A 340 21.58 15.98 5.45
C ILE A 340 20.85 17.31 5.32
N HIS A 341 20.99 17.99 4.17
CA HIS A 341 20.18 19.21 3.95
C HIS A 341 18.79 18.79 3.54
N TYR A 342 17.78 19.49 4.02
CA TYR A 342 16.43 19.18 3.53
C TYR A 342 15.86 20.46 2.97
N ILE A 343 15.19 20.35 1.85
CA ILE A 343 14.73 21.57 1.21
C ILE A 343 13.45 21.99 1.92
N PRO A 344 13.36 23.28 2.37
CA PRO A 344 12.15 23.70 3.03
C PRO A 344 10.85 23.33 2.25
N PRO A 345 9.81 22.81 2.95
CA PRO A 345 8.62 22.36 2.23
C PRO A 345 7.91 23.53 1.53
N GLU A 346 8.04 24.74 2.07
CA GLU A 346 7.42 25.87 1.39
C GLU A 346 7.96 26.17 -0.01
N GLN A 347 9.10 25.58 -0.39
CA GLN A 347 9.65 25.81 -1.75
C GLN A 347 8.97 25.01 -2.85
N ASN A 348 8.15 24.04 -2.44
CA ASN A 348 7.50 23.09 -3.38
C ASN A 348 8.49 22.71 -4.49
N LEU A 349 9.68 22.27 -4.05
CA LEU A 349 10.71 21.81 -4.97
C LEU A 349 10.54 20.32 -5.13
N ASP A 350 9.99 19.95 -6.28
CA ASP A 350 9.95 18.57 -6.68
C ASP A 350 10.89 18.46 -7.90
N TRP A 351 10.76 17.42 -8.68
CA TRP A 351 11.75 17.13 -9.72
C TRP A 351 11.38 17.78 -11.04
N THR A 352 10.27 18.51 -11.04
CA THR A 352 9.74 18.92 -12.35
C THR A 352 10.63 19.92 -13.12
N ILE A 353 11.46 20.71 -12.41
CA ILE A 353 12.45 21.54 -13.20
C ILE A 353 13.34 20.66 -14.03
N GLY A 354 13.61 19.47 -13.51
CA GLY A 354 14.37 18.50 -14.27
C GLY A 354 13.87 18.25 -15.69
N VAL A 355 12.54 18.18 -15.84
CA VAL A 355 11.89 17.94 -17.15
C VAL A 355 12.17 19.12 -18.06
N VAL A 356 12.13 20.34 -17.51
CA VAL A 356 12.36 21.54 -18.34
C VAL A 356 13.73 21.46 -18.95
N LEU A 357 14.71 21.04 -18.15
CA LEU A 357 16.09 21.01 -18.61
C LEU A 357 16.29 19.84 -19.56
N HIS A 358 15.72 18.70 -19.22
CA HIS A 358 16.13 17.48 -19.89
C HIS A 358 15.56 17.27 -21.28
N ARG A 359 14.33 17.74 -21.53
CA ARG A 359 13.68 17.70 -22.85
CA ARG A 359 13.73 17.61 -22.85
C ARG A 359 14.48 18.45 -23.93
N ALA A 360 15.37 19.38 -23.52
CA ALA A 360 16.08 20.21 -24.57
C ALA A 360 17.55 19.78 -24.83
N LEU A 361 18.00 18.74 -24.12
CA LEU A 361 19.38 18.21 -24.26
C LEU A 361 19.68 17.51 -25.61
N THR B 3 -41.12 -15.61 -0.77
CA THR B 3 -41.33 -14.28 -1.41
C THR B 3 -40.68 -13.16 -0.59
N ASN B 4 -41.24 -12.81 0.58
CA ASN B 4 -40.44 -12.01 1.59
C ASN B 4 -40.27 -12.83 2.86
N PRO B 5 -39.09 -13.43 3.01
CA PRO B 5 -38.83 -14.26 4.17
C PRO B 5 -38.84 -13.46 5.47
N CYS B 6 -38.64 -12.14 5.42
CA CYS B 6 -38.48 -11.37 6.65
C CYS B 6 -39.80 -11.06 7.34
N GLU B 7 -40.92 -11.38 6.69
CA GLU B 7 -42.23 -11.30 7.33
C GLU B 7 -42.47 -12.46 8.31
N LYS B 8 -41.74 -13.55 8.13
CA LYS B 8 -41.90 -14.75 8.93
C LYS B 8 -40.64 -15.22 9.69
N HIS B 9 -39.51 -14.54 9.49
CA HIS B 9 -38.26 -14.92 10.12
C HIS B 9 -37.47 -13.67 10.48
N SER B 10 -36.58 -13.74 11.45
CA SER B 10 -35.67 -12.57 11.69
C SER B 10 -34.75 -12.33 10.50
N CYS B 11 -34.57 -11.07 10.16
CA CYS B 11 -33.58 -10.72 9.13
C CYS B 11 -32.68 -9.63 9.57
N ILE B 12 -31.40 -9.76 9.17
CA ILE B 12 -30.50 -8.62 9.34
C ILE B 12 -29.61 -8.50 8.13
N ALA B 13 -29.03 -7.31 7.93
CA ALA B 13 -28.10 -7.06 6.85
C ALA B 13 -26.70 -6.86 7.45
N VAL B 14 -25.70 -7.54 6.87
CA VAL B 14 -24.31 -7.41 7.37
C VAL B 14 -23.52 -7.03 6.13
N ILE B 15 -22.77 -5.92 6.23
CA ILE B 15 -21.90 -5.45 5.14
C ILE B 15 -20.45 -5.68 5.55
N ASP B 16 -19.76 -6.46 4.72
CA ASP B 16 -18.28 -6.65 4.84
C ASP B 16 -17.69 -5.53 3.99
N ALA B 17 -17.07 -4.56 4.67
CA ALA B 17 -16.41 -3.44 3.97
C ALA B 17 -14.91 -3.74 3.95
N GLY B 18 -14.52 -4.54 2.96
CA GLY B 18 -13.12 -5.02 2.81
C GLY B 18 -12.25 -4.02 2.05
N SER B 19 -10.95 -4.31 2.02
CA SER B 19 -10.01 -3.43 1.36
C SER B 19 -10.27 -3.29 -0.14
N THR B 20 -10.83 -4.33 -0.77
CA THR B 20 -11.04 -4.27 -2.21
C THR B 20 -12.47 -4.11 -2.66
N GLY B 21 -13.41 -4.05 -1.71
CA GLY B 21 -14.82 -3.86 -2.11
C GLY B 21 -15.71 -4.08 -0.90
N SER B 22 -16.97 -3.78 -1.08
CA SER B 22 -17.92 -4.00 0.00
C SER B 22 -18.97 -5.00 -0.45
N ARG B 23 -19.42 -5.86 0.49
CA ARG B 23 -20.35 -6.97 0.16
C ARG B 23 -21.52 -6.91 1.14
N LEU B 24 -22.70 -6.59 0.60
CA LEU B 24 -23.95 -6.63 1.41
C LEU B 24 -24.52 -8.04 1.41
N HIS B 25 -24.87 -8.54 2.62
CA HIS B 25 -25.64 -9.78 2.69
C HIS B 25 -26.84 -9.51 3.51
N ILE B 26 -27.97 -10.09 3.09
CA ILE B 26 -29.16 -10.03 3.95
C ILE B 26 -29.44 -11.50 4.27
N TYR B 27 -29.51 -11.77 5.57
CA TYR B 27 -29.72 -13.14 6.07
C TYR B 27 -31.07 -13.25 6.77
N SER B 28 -31.82 -14.34 6.48
CA SER B 28 -32.98 -14.69 7.31
C SER B 28 -32.55 -15.81 8.26
N TYR B 29 -33.19 -15.89 9.40
CA TYR B 29 -32.89 -16.92 10.35
C TYR B 29 -33.99 -17.07 11.38
N ASP B 30 -33.99 -18.25 11.99
CA ASP B 30 -34.75 -18.44 13.21
C ASP B 30 -33.82 -18.47 14.44
N THR B 31 -34.38 -18.66 15.66
CA THR B 31 -33.44 -18.81 16.81
C THR B 31 -33.86 -19.99 17.67
N ASP B 32 -32.89 -20.59 18.31
CA ASP B 32 -33.15 -21.72 19.21
C ASP B 32 -33.62 -21.18 20.58
N ASP B 33 -33.72 -22.04 21.59
CA ASP B 33 -34.28 -21.53 22.83
C ASP B 33 -33.30 -20.67 23.66
N THR B 34 -32.06 -20.46 23.20
CA THR B 34 -31.14 -19.53 23.81
C THR B 34 -31.09 -18.23 22.99
N ASN B 35 -31.99 -18.15 22.00
CA ASN B 35 -31.98 -16.99 21.05
C ASN B 35 -30.75 -16.92 20.17
N THR B 36 -30.12 -18.08 19.95
CA THR B 36 -29.00 -18.17 18.99
C THR B 36 -29.54 -18.48 17.61
N PRO B 37 -29.07 -17.79 16.58
CA PRO B 37 -29.57 -18.09 15.22
C PRO B 37 -29.33 -19.49 14.75
N ILE B 38 -30.34 -20.04 14.07
CA ILE B 38 -30.28 -21.30 13.35
C ILE B 38 -30.95 -21.10 11.99
N HIS B 39 -30.80 -22.06 11.06
CA HIS B 39 -31.44 -21.97 9.74
C HIS B 39 -31.07 -20.66 9.03
N ILE B 40 -29.81 -20.25 9.15
CA ILE B 40 -29.36 -19.01 8.50
C ILE B 40 -29.40 -19.21 7.00
N GLU B 41 -30.12 -18.33 6.31
CA GLU B 41 -30.12 -18.41 4.84
C GLU B 41 -29.78 -17.05 4.26
N GLU B 42 -28.89 -17.01 3.26
CA GLU B 42 -28.66 -15.74 2.57
C GLU B 42 -29.78 -15.47 1.59
N ILE B 43 -30.46 -14.33 1.70
CA ILE B 43 -31.59 -14.09 0.80
C ILE B 43 -31.25 -13.00 -0.21
N TRP B 44 -30.12 -12.32 -0.02
CA TRP B 44 -29.70 -11.30 -0.98
C TRP B 44 -28.24 -11.03 -0.76
N ASN B 45 -27.55 -10.79 -1.85
CA ASN B 45 -26.14 -10.41 -1.83
C ASN B 45 -25.92 -9.33 -2.89
N LYS B 46 -25.05 -8.36 -2.61
CA LYS B 46 -24.58 -7.49 -3.69
C LYS B 46 -23.14 -7.15 -3.34
N LYS B 47 -22.28 -7.17 -4.35
CA LYS B 47 -20.82 -6.95 -4.14
C LYS B 47 -20.50 -5.75 -4.99
N ILE B 48 -19.86 -4.74 -4.41
CA ILE B 48 -19.38 -3.62 -5.22
C ILE B 48 -17.89 -3.34 -5.00
N LYS B 49 -17.26 -2.69 -6.00
CA LYS B 49 -15.87 -2.19 -5.83
C LYS B 49 -15.86 -0.70 -6.10
N PRO B 50 -14.82 0.01 -5.65
CA PRO B 50 -13.66 -0.46 -4.94
C PRO B 50 -13.99 -0.44 -3.42
N GLY B 51 -12.97 -0.50 -2.59
CA GLY B 51 -13.18 -0.56 -1.12
C GLY B 51 -13.64 0.78 -0.57
N PHE B 52 -14.40 0.72 0.52
CA PHE B 52 -14.92 1.95 1.15
C PHE B 52 -13.78 2.92 1.52
N ALA B 53 -12.67 2.41 2.04
CA ALA B 53 -11.57 3.25 2.50
C ALA B 53 -10.86 3.96 1.34
N SER B 54 -11.12 3.51 0.10
CA SER B 54 -10.48 4.11 -1.06
CA SER B 54 -10.51 4.06 -1.12
C SER B 54 -11.26 5.30 -1.63
N ILE B 55 -12.49 5.50 -1.20
CA ILE B 55 -13.24 6.65 -1.73
C ILE B 55 -12.91 7.91 -0.94
N GLN B 56 -13.18 9.07 -1.53
CA GLN B 56 -12.98 10.29 -0.81
C GLN B 56 -14.18 10.45 0.13
N PRO B 57 -13.93 10.79 1.39
CA PRO B 57 -15.08 10.78 2.24
C PRO B 57 -15.82 12.12 2.24
N ASN B 58 -16.82 12.26 1.40
CA ASN B 58 -17.69 13.41 1.49
C ASN B 58 -19.12 13.01 1.20
N SER B 59 -20.09 13.91 1.39
CA SER B 59 -21.47 13.46 1.31
C SER B 59 -21.79 12.95 -0.09
N VAL B 60 -21.24 13.58 -1.11
CA VAL B 60 -21.62 13.18 -2.46
C VAL B 60 -21.14 11.76 -2.77
N THR B 61 -19.87 11.54 -2.48
N THR B 61 -19.88 11.51 -2.48
CA THR B 61 -19.20 10.27 -2.75
CA THR B 61 -19.29 10.22 -2.79
C THR B 61 -19.75 9.13 -1.91
C THR B 61 -19.83 9.11 -1.92
N ILE B 62 -20.01 9.41 -0.64
CA ILE B 62 -20.62 8.40 0.28
C ILE B 62 -22.05 8.06 -0.15
N ASP B 63 -22.85 9.07 -0.47
CA ASP B 63 -24.17 8.76 -1.02
C ASP B 63 -24.11 7.87 -2.29
N ALA B 64 -23.23 8.18 -3.24
CA ALA B 64 -23.18 7.36 -4.45
C ALA B 64 -22.79 5.93 -4.14
N TYR B 65 -21.85 5.78 -3.19
CA TYR B 65 -21.34 4.43 -2.82
C TYR B 65 -22.40 3.64 -2.10
N LEU B 66 -23.04 4.23 -1.09
CA LEU B 66 -24.07 3.50 -0.36
C LEU B 66 -25.32 3.26 -1.14
N THR B 67 -25.71 4.19 -2.05
CA THR B 67 -26.85 3.92 -2.91
C THR B 67 -26.59 2.74 -3.82
N MET B 68 -25.37 2.68 -4.35
CA MET B 68 -25.00 1.57 -5.23
C MET B 68 -25.02 0.26 -4.48
N LEU B 69 -24.52 0.29 -3.27
CA LEU B 69 -24.51 -0.93 -2.45
C LEU B 69 -25.90 -1.44 -2.07
N LEU B 70 -26.82 -0.51 -1.73
CA LEU B 70 -28.06 -0.85 -1.00
C LEU B 70 -29.39 -0.63 -1.77
N ALA B 71 -29.43 0.34 -2.67
CA ALA B 71 -30.73 0.83 -3.19
C ALA B 71 -31.62 -0.24 -3.85
N ASP B 72 -31.03 -1.23 -4.52
CA ASP B 72 -31.80 -2.22 -5.26
C ASP B 72 -32.09 -3.52 -4.49
N ALA B 73 -31.68 -3.54 -3.24
CA ALA B 73 -32.00 -4.70 -2.39
C ALA B 73 -33.52 -4.93 -2.38
N PRO B 74 -33.96 -6.20 -2.51
CA PRO B 74 -35.39 -6.53 -2.59
C PRO B 74 -36.09 -6.37 -1.23
N ILE B 75 -35.29 -6.14 -0.19
CA ILE B 75 -35.80 -6.12 1.15
C ILE B 75 -35.10 -5.02 1.89
N HIS B 76 -35.89 -4.23 2.56
CA HIS B 76 -35.34 -3.25 3.42
C HIS B 76 -36.21 -3.29 4.70
N ASN B 77 -36.08 -2.24 5.45
CA ASN B 77 -36.67 -2.05 6.71
C ASN B 77 -36.11 -3.09 7.65
N ILE B 78 -34.79 -3.25 7.62
CA ILE B 78 -34.15 -4.25 8.51
C ILE B 78 -32.90 -3.63 9.11
N PRO B 79 -32.41 -4.21 10.21
CA PRO B 79 -31.18 -3.71 10.89
C PRO B 79 -29.92 -3.96 10.04
N VAL B 80 -29.00 -3.00 10.08
CA VAL B 80 -27.79 -3.12 9.22
C VAL B 80 -26.56 -2.99 10.09
N TYR B 81 -25.60 -3.92 9.92
CA TYR B 81 -24.27 -3.83 10.60
C TYR B 81 -23.28 -3.56 9.50
N PHE B 82 -22.52 -2.46 9.57
CA PHE B 82 -21.51 -2.17 8.54
C PHE B 82 -20.18 -2.34 9.24
N TYR B 83 -19.41 -3.39 8.87
CA TYR B 83 -18.19 -3.65 9.59
C TYR B 83 -17.07 -3.58 8.58
N ALA B 84 -16.15 -2.63 8.73
CA ALA B 84 -15.01 -2.54 7.85
C ALA B 84 -13.82 -3.31 8.41
N THR B 85 -12.94 -3.77 7.51
CA THR B 85 -11.80 -4.56 7.92
C THR B 85 -10.47 -3.85 7.52
N ALA B 86 -9.49 -4.56 6.93
CA ALA B 86 -8.11 -4.06 6.90
C ALA B 86 -7.95 -2.77 6.08
N GLY B 87 -8.79 -2.52 5.07
CA GLY B 87 -8.65 -1.28 4.28
C GLY B 87 -8.77 -0.07 5.20
N MET B 88 -9.75 -0.08 6.12
CA MET B 88 -9.91 1.07 7.00
C MET B 88 -8.83 1.04 8.08
N ARG B 89 -8.37 -0.15 8.48
CA ARG B 89 -7.26 -0.27 9.48
CA ARG B 89 -7.32 -0.23 9.52
C ARG B 89 -6.01 0.39 9.06
N LEU B 90 -5.83 0.58 7.74
CA LEU B 90 -4.64 1.25 7.27
C LEU B 90 -4.67 2.75 7.52
N LEU B 91 -5.82 3.30 7.86
CA LEU B 91 -6.02 4.78 8.16
C LEU B 91 -6.04 5.04 9.67
N PRO B 92 -5.47 6.17 10.15
CA PRO B 92 -5.65 6.52 11.59
C PRO B 92 -7.11 6.81 11.92
N GLN B 93 -7.49 6.66 13.19
CA GLN B 93 -8.86 6.90 13.64
CA GLN B 93 -8.89 6.88 13.59
C GLN B 93 -9.34 8.27 13.18
N SER B 94 -8.43 9.23 13.20
CA SER B 94 -8.86 10.61 12.88
C SER B 94 -9.36 10.71 11.43
N GLN B 95 -8.78 9.91 10.52
CA GLN B 95 -9.22 9.90 9.12
CA GLN B 95 -9.18 9.87 9.11
C GLN B 95 -10.43 8.98 8.94
N GLN B 96 -10.44 7.86 9.63
CA GLN B 96 -11.61 6.99 9.62
C GLN B 96 -12.87 7.70 10.08
N LYS B 97 -12.75 8.61 11.06
CA LYS B 97 -13.93 9.25 11.65
C LYS B 97 -14.72 10.03 10.57
N LYS B 98 -14.03 10.60 9.59
CA LYS B 98 -14.70 11.38 8.54
C LYS B 98 -15.63 10.45 7.74
N TYR B 99 -15.15 9.23 7.49
CA TYR B 99 -15.98 8.24 6.78
C TYR B 99 -17.22 7.90 7.56
N TYR B 100 -17.03 7.59 8.85
CA TYR B 100 -18.17 7.14 9.63
C TYR B 100 -19.14 8.29 9.94
N ASP B 101 -18.64 9.50 10.11
CA ASP B 101 -19.56 10.66 10.31
C ASP B 101 -20.44 10.82 9.06
N GLU B 102 -19.84 10.76 7.87
CA GLU B 102 -20.63 10.83 6.63
C GLU B 102 -21.60 9.66 6.48
N LEU B 103 -21.13 8.46 6.78
CA LEU B 103 -22.00 7.28 6.64
C LEU B 103 -23.15 7.37 7.61
N ASP B 104 -22.86 7.77 8.85
N ASP B 104 -22.88 7.78 8.84
CA ASP B 104 -23.89 7.95 9.89
CA ASP B 104 -23.97 7.90 9.82
C ASP B 104 -24.95 8.92 9.37
C ASP B 104 -24.98 8.94 9.39
N TYR B 105 -24.50 10.03 8.80
CA TYR B 105 -25.44 11.03 8.30
C TYR B 105 -26.32 10.43 7.21
N TRP B 106 -25.69 9.69 6.29
CA TRP B 106 -26.47 9.08 5.19
C TRP B 106 -27.56 8.19 5.73
N PHE B 107 -27.25 7.33 6.71
CA PHE B 107 -28.30 6.50 7.27
C PHE B 107 -29.42 7.30 8.01
N ARG B 108 -29.02 8.38 8.69
CA ARG B 108 -29.99 9.19 9.42
C ARG B 108 -30.91 9.92 8.44
N GLN B 109 -30.43 10.15 7.22
CA GLN B 109 -31.18 10.90 6.20
C GLN B 109 -32.12 10.02 5.36
N GLN B 110 -32.23 8.75 5.73
CA GLN B 110 -33.17 7.87 5.03
C GLN B 110 -33.94 7.02 6.02
N SER B 111 -34.91 6.25 5.49
CA SER B 111 -35.89 5.55 6.35
C SER B 111 -36.00 4.04 6.12
N GLN B 112 -35.25 3.47 5.17
CA GLN B 112 -35.41 2.04 4.71
C GLN B 112 -34.48 1.05 5.36
N TRP B 113 -33.39 1.57 5.87
CA TRP B 113 -32.42 0.80 6.60
C TRP B 113 -32.28 1.33 8.02
N GLN B 114 -32.15 0.42 8.98
CA GLN B 114 -32.04 0.72 10.40
CA GLN B 114 -31.98 0.81 10.39
C GLN B 114 -30.55 0.46 10.80
N LEU B 115 -29.71 1.48 10.76
CA LEU B 115 -28.30 1.22 11.10
C LEU B 115 -28.10 0.91 12.55
N VAL B 116 -27.53 -0.24 12.83
CA VAL B 116 -27.28 -0.63 14.20
C VAL B 116 -25.87 -0.21 14.63
N GLU B 117 -24.86 -0.54 13.83
CA GLU B 117 -23.49 -0.24 14.16
C GLU B 117 -22.72 -0.05 12.84
N ALA B 118 -21.81 0.92 12.80
CA ALA B 118 -20.89 1.05 11.66
C ALA B 118 -19.56 1.34 12.25
N LYS B 119 -18.64 0.40 12.10
CA LYS B 119 -17.33 0.55 12.73
C LYS B 119 -16.27 -0.31 12.05
N THR B 120 -15.01 0.00 12.34
CA THR B 120 -13.91 -0.87 11.90
C THR B 120 -13.66 -1.94 12.95
N ILE B 121 -13.66 -3.18 12.52
CA ILE B 121 -13.42 -4.26 13.50
C ILE B 121 -11.95 -4.59 13.49
N THR B 122 -11.42 -5.12 14.60
CA THR B 122 -10.00 -5.56 14.61
C THR B 122 -9.84 -6.83 13.75
N GLY B 123 -8.60 -7.09 13.35
CA GLY B 123 -8.25 -8.34 12.65
C GLY B 123 -8.59 -9.59 13.50
N ASN B 124 -8.48 -9.46 14.83
CA ASN B 124 -8.81 -10.57 15.72
C ASN B 124 -10.32 -10.87 15.68
N ASP B 125 -11.16 -9.84 15.68
CA ASP B 125 -12.59 -10.05 15.55
C ASP B 125 -12.94 -10.62 14.17
N GLU B 126 -12.24 -10.13 13.13
CA GLU B 126 -12.46 -10.61 11.75
C GLU B 126 -12.11 -12.09 11.73
N ALA B 127 -11.02 -12.49 12.40
CA ALA B 127 -10.65 -13.94 12.44
C ALA B 127 -11.68 -14.74 13.17
N LEU B 128 -12.20 -14.21 14.29
CA LEU B 128 -13.26 -14.93 15.00
C LEU B 128 -14.44 -15.16 14.06
N PHE B 129 -14.88 -14.09 13.37
CA PHE B 129 -16.02 -14.23 12.47
C PHE B 129 -15.69 -15.16 11.29
N ASP B 130 -14.45 -15.14 10.82
CA ASP B 130 -14.00 -16.10 9.78
C ASP B 130 -14.27 -17.55 10.24
N TRP B 131 -13.88 -17.87 11.47
CA TRP B 131 -13.97 -19.26 11.95
C TRP B 131 -15.48 -19.63 12.12
N LEU B 132 -16.28 -18.69 12.67
CA LEU B 132 -17.69 -19.02 12.91
C LEU B 132 -18.40 -19.19 11.59
N ALA B 133 -18.08 -18.34 10.62
CA ALA B 133 -18.80 -18.43 9.32
C ALA B 133 -18.51 -19.72 8.61
N VAL B 134 -17.23 -20.07 8.53
CA VAL B 134 -16.86 -21.28 7.83
C VAL B 134 -17.40 -22.50 8.54
N ASN B 135 -17.27 -22.55 9.88
CA ASN B 135 -17.73 -23.70 10.58
C ASN B 135 -19.24 -23.80 10.59
N TYR B 136 -19.93 -22.67 10.57
CA TYR B 136 -21.38 -22.73 10.43
C TYR B 136 -21.74 -23.44 9.09
N LYS B 137 -21.11 -22.98 8.00
CA LYS B 137 -21.33 -23.57 6.69
C LYS B 137 -20.98 -25.06 6.58
N LEU B 138 -19.96 -25.49 7.30
CA LEU B 138 -19.55 -26.89 7.36
C LEU B 138 -20.39 -27.74 8.31
N ASP B 139 -21.33 -27.11 9.03
CA ASP B 139 -22.13 -27.77 10.06
C ASP B 139 -21.28 -28.42 11.12
N THR B 140 -20.20 -27.78 11.51
CA THR B 140 -19.41 -28.38 12.55
C THR B 140 -19.66 -27.78 13.95
N LEU B 141 -20.61 -26.86 14.07
CA LEU B 141 -20.82 -26.15 15.34
C LEU B 141 -21.81 -26.85 16.26
N LYS B 142 -22.63 -27.75 15.70
CA LYS B 142 -23.80 -28.29 16.43
C LYS B 142 -23.40 -29.28 17.52
N SER B 143 -22.24 -29.90 17.35
CA SER B 143 -21.75 -30.87 18.32
C SER B 143 -20.21 -30.80 18.42
N VAL B 144 -19.69 -31.37 19.50
CA VAL B 144 -18.23 -31.49 19.82
C VAL B 144 -17.49 -32.26 18.70
N GLN B 145 -16.42 -31.70 18.13
CA GLN B 145 -15.76 -32.33 16.96
C GLN B 145 -14.60 -33.24 17.33
N ASN B 146 -14.53 -34.40 16.67
CA ASN B 146 -13.36 -35.27 16.68
C ASN B 146 -12.12 -34.51 16.22
N LYS B 147 -12.31 -33.52 15.34
CA LYS B 147 -11.20 -32.97 14.53
C LYS B 147 -11.05 -31.47 14.75
N SER B 148 -9.84 -30.99 14.66
CA SER B 148 -9.60 -29.54 14.81
C SER B 148 -9.70 -28.93 13.42
N VAL B 149 -10.53 -27.87 13.27
CA VAL B 149 -10.76 -27.21 11.96
C VAL B 149 -10.12 -25.85 12.09
N GLY B 150 -9.28 -25.54 11.12
CA GLY B 150 -8.62 -24.22 11.15
C GLY B 150 -9.03 -23.49 9.90
N VAL B 151 -9.07 -22.15 9.98
CA VAL B 151 -9.52 -21.29 8.89
C VAL B 151 -8.47 -20.20 8.62
N MET B 152 -8.22 -19.94 7.33
CA MET B 152 -7.33 -18.90 6.88
C MET B 152 -8.17 -18.01 5.99
N ASP B 153 -8.10 -16.70 6.21
CA ASP B 153 -8.78 -15.78 5.32
C ASP B 153 -7.72 -14.90 4.65
N MET B 154 -7.66 -15.03 3.32
CA MET B 154 -6.64 -14.32 2.53
C MET B 154 -7.22 -13.05 1.94
N GLY B 155 -6.93 -11.90 2.57
CA GLY B 155 -7.50 -10.62 2.11
C GLY B 155 -6.54 -9.76 1.32
N GLY B 156 -7.04 -8.60 0.92
CA GLY B 156 -6.23 -7.62 0.14
C GLY B 156 -5.20 -6.94 0.98
N ALA B 157 -5.53 -6.71 2.25
CA ALA B 157 -4.59 -5.95 3.11
C ALA B 157 -4.14 -6.72 4.37
N SER B 158 -5.01 -7.59 4.87
CA SER B 158 -4.62 -8.48 5.97
C SER B 158 -4.91 -9.94 5.67
N VAL B 159 -4.20 -10.83 6.41
CA VAL B 159 -4.62 -12.27 6.38
C VAL B 159 -4.86 -12.67 7.80
N GLN B 160 -5.84 -13.58 7.96
CA GLN B 160 -6.14 -14.10 9.31
C GLN B 160 -5.88 -15.59 9.34
N ILE B 161 -5.55 -16.07 10.55
CA ILE B 161 -5.49 -17.52 10.83
C ILE B 161 -6.20 -17.72 12.15
N VAL B 162 -6.92 -18.83 12.28
CA VAL B 162 -7.66 -19.03 13.52
C VAL B 162 -7.84 -20.52 13.65
N PHE B 163 -7.62 -21.02 14.86
CA PHE B 163 -7.78 -22.48 15.07
C PHE B 163 -8.03 -22.72 16.54
N PRO B 164 -8.57 -23.89 16.87
CA PRO B 164 -8.84 -24.17 18.29
C PRO B 164 -7.56 -24.26 19.12
N MET B 165 -7.60 -23.68 20.30
CA MET B 165 -6.46 -23.72 21.21
C MET B 165 -6.98 -23.51 22.64
N PRO B 166 -6.66 -24.45 23.58
CA PRO B 166 -7.12 -24.19 24.95
C PRO B 166 -6.65 -22.84 25.50
N LYS B 167 -7.47 -22.22 26.34
CA LYS B 167 -7.14 -20.95 26.98
C LYS B 167 -5.73 -21.04 27.61
N ASN B 168 -4.84 -20.08 27.32
CA ASN B 168 -3.39 -20.07 27.71
C ASN B 168 -3.01 -18.74 28.37
N ALA B 169 -2.68 -18.77 29.66
CA ALA B 169 -2.31 -17.55 30.36
C ALA B 169 -1.05 -16.85 29.81
N GLU B 170 -0.29 -17.52 28.96
CA GLU B 170 0.94 -16.93 28.42
C GLU B 170 0.80 -16.26 27.06
N ILE B 171 -0.35 -16.42 26.42
CA ILE B 171 -0.65 -15.72 25.15
C ILE B 171 -1.55 -14.51 25.43
N SER B 172 -1.34 -13.39 24.70
CA SER B 172 -2.15 -12.16 24.84
C SER B 172 -3.66 -12.51 24.84
N LYS B 173 -4.43 -11.89 25.74
CA LYS B 173 -5.88 -12.06 25.75
C LYS B 173 -6.51 -11.70 24.42
N HIS B 174 -5.89 -10.75 23.69
CA HIS B 174 -6.40 -10.28 22.43
C HIS B 174 -6.36 -11.38 21.37
N ASN B 175 -5.50 -12.39 21.56
CA ASN B 175 -5.35 -13.47 20.54
C ASN B 175 -6.12 -14.74 20.93
N GLN B 176 -7.00 -14.66 21.91
CA GLN B 176 -7.72 -15.84 22.35
C GLN B 176 -9.17 -15.47 22.51
N VAL B 177 -10.07 -16.33 22.06
CA VAL B 177 -11.53 -16.10 22.19
CA VAL B 177 -11.49 -16.07 22.24
C VAL B 177 -12.20 -17.30 22.77
N GLU B 178 -12.98 -17.11 23.85
CA GLU B 178 -13.74 -18.21 24.36
C GLU B 178 -15.20 -18.00 23.96
N LEU B 179 -15.84 -19.00 23.40
CA LEU B 179 -17.26 -18.81 23.22
C LEU B 179 -18.06 -20.02 23.61
N ASN B 180 -19.32 -19.79 23.91
CA ASN B 180 -20.23 -20.88 24.19
C ASN B 180 -21.30 -20.80 23.14
N ILE B 181 -21.41 -21.82 22.30
CA ILE B 181 -22.40 -21.83 21.19
C ILE B 181 -23.03 -23.19 21.06
N TYR B 182 -24.36 -23.22 20.97
CA TYR B 182 -25.13 -24.45 20.84
C TYR B 182 -24.69 -25.47 21.89
N GLY B 183 -24.45 -24.99 23.08
CA GLY B 183 -24.23 -25.86 24.23
C GLY B 183 -22.81 -26.37 24.29
N GLN B 184 -21.91 -25.83 23.47
CA GLN B 184 -20.54 -26.25 23.58
C GLN B 184 -19.57 -25.09 23.79
N ASN B 185 -18.48 -25.39 24.49
CA ASN B 185 -17.50 -24.40 24.84
C ASN B 185 -16.31 -24.56 23.90
N ILE B 186 -15.87 -23.46 23.27
CA ILE B 186 -14.89 -23.53 22.18
C ILE B 186 -13.90 -22.42 22.48
N ASN B 187 -12.61 -22.73 22.41
CA ASN B 187 -11.58 -21.76 22.71
C ASN B 187 -10.68 -21.69 21.46
N LEU B 188 -10.51 -20.47 20.91
CA LEU B 188 -9.78 -20.30 19.64
C LEU B 188 -8.61 -19.37 19.86
N TYR B 189 -7.55 -19.64 19.09
CA TYR B 189 -6.47 -18.64 18.93
C TYR B 189 -6.78 -17.90 17.61
N VAL B 190 -6.64 -16.59 17.67
CA VAL B 190 -6.90 -15.70 16.48
C VAL B 190 -5.70 -14.83 16.23
N HIS B 191 -5.39 -14.59 14.94
CA HIS B 191 -4.30 -13.67 14.64
C HIS B 191 -4.57 -13.06 13.29
N SER B 192 -4.31 -11.77 13.16
CA SER B 192 -4.38 -11.10 11.85
C SER B 192 -3.03 -10.49 11.58
N PHE B 193 -2.59 -10.52 10.33
CA PHE B 193 -1.34 -9.85 9.95
C PHE B 193 -1.64 -8.74 8.96
N LEU B 194 -1.56 -7.49 9.46
CA LEU B 194 -1.85 -6.30 8.63
C LEU B 194 -0.62 -5.99 7.79
N GLY B 195 -0.84 -5.86 6.48
CA GLY B 195 0.27 -5.57 5.53
C GLY B 195 0.62 -6.85 4.74
N LEU B 196 0.11 -8.02 5.21
CA LEU B 196 0.46 -9.30 4.52
C LEU B 196 -0.67 -9.78 3.55
N GLY B 197 -1.78 -9.02 3.46
CA GLY B 197 -2.80 -9.22 2.40
C GLY B 197 -2.15 -9.03 1.02
N GLN B 198 -2.81 -9.55 0.00
CA GLN B 198 -2.15 -9.65 -1.30
C GLN B 198 -1.80 -8.33 -1.95
N THR B 199 -2.63 -7.29 -1.78
CA THR B 199 -2.33 -5.99 -2.39
C THR B 199 -1.14 -5.41 -1.69
N GLU B 200 -1.16 -5.39 -0.36
CA GLU B 200 -0.10 -4.71 0.36
C GLU B 200 1.25 -5.43 0.23
N MET B 201 1.21 -6.75 0.35
CA MET B 201 2.41 -7.60 0.16
CA MET B 201 2.43 -7.51 0.21
C MET B 201 3.01 -7.31 -1.21
N SER B 202 2.15 -7.27 -2.26
CA SER B 202 2.66 -7.24 -3.65
CA SER B 202 2.63 -7.22 -3.64
C SER B 202 3.45 -5.96 -3.88
N HIS B 203 3.11 -4.90 -3.15
CA HIS B 203 3.76 -3.61 -3.37
C HIS B 203 5.23 -3.60 -2.89
N GLN B 204 5.65 -4.69 -2.24
CA GLN B 204 7.09 -4.78 -1.87
C GLN B 204 7.91 -5.60 -2.88
N PHE B 205 7.27 -6.18 -3.92
CA PHE B 205 7.95 -7.15 -4.78
C PHE B 205 7.75 -6.87 -6.27
N LEU B 206 7.28 -5.66 -6.59
CA LEU B 206 6.96 -5.42 -8.01
C LEU B 206 8.23 -5.32 -8.90
N ASN B 207 9.41 -5.04 -8.31
CA ASN B 207 10.63 -5.08 -9.09
C ASN B 207 11.49 -6.34 -8.90
N SER B 208 10.91 -7.41 -8.37
CA SER B 208 11.56 -8.73 -8.20
C SER B 208 11.43 -9.57 -9.46
N PRO B 209 12.52 -9.69 -10.26
CA PRO B 209 12.34 -10.48 -11.47
C PRO B 209 11.89 -11.89 -11.23
N SER B 210 12.26 -12.49 -10.11
CA SER B 210 11.89 -13.91 -9.86
CA SER B 210 11.89 -13.91 -9.91
C SER B 210 10.39 -14.08 -9.69
N CYS B 211 9.69 -12.98 -9.45
CA CYS B 211 8.27 -13.06 -9.15
C CYS B 211 7.34 -12.82 -10.33
N PHE B 212 7.89 -12.70 -11.55
CA PHE B 212 7.04 -12.40 -12.73
C PHE B 212 7.49 -13.24 -13.88
N ALA B 213 6.61 -13.46 -14.85
CA ALA B 213 6.93 -14.27 -15.99
C ALA B 213 8.11 -13.65 -16.77
N ASN B 214 8.78 -14.51 -17.53
CA ASN B 214 9.94 -14.08 -18.33
C ASN B 214 9.56 -12.90 -19.23
N ASP B 215 10.38 -11.88 -19.18
CA ASP B 215 10.20 -10.65 -20.00
C ASP B 215 9.02 -9.78 -19.61
N TYR B 216 8.34 -10.07 -18.49
CA TYR B 216 7.33 -9.16 -18.01
C TYR B 216 8.04 -7.82 -17.72
N PRO B 217 7.45 -6.69 -18.16
CA PRO B 217 8.10 -5.39 -17.95
C PRO B 217 7.87 -4.90 -16.51
N LEU B 218 8.92 -5.01 -15.69
CA LEU B 218 8.83 -4.54 -14.29
C LEU B 218 8.81 -2.99 -14.30
N PRO B 219 8.18 -2.36 -13.30
CA PRO B 219 7.96 -0.92 -13.39
C PRO B 219 9.29 -0.17 -13.52
N ASP B 220 10.37 -0.67 -12.88
CA ASP B 220 11.57 0.18 -13.02
CA ASP B 220 11.75 -0.09 -12.90
C ASP B 220 12.53 -0.21 -14.19
N GLY B 221 11.96 -0.93 -15.17
CA GLY B 221 12.63 -1.12 -16.47
C GLY B 221 13.34 -2.45 -16.64
N GLU B 222 13.45 -3.26 -15.58
CA GLU B 222 14.11 -4.57 -15.74
C GLU B 222 13.04 -5.56 -16.24
N SER B 223 13.51 -6.74 -16.56
CA SER B 223 12.64 -7.82 -17.13
C SER B 223 12.36 -8.89 -16.12
N GLY B 224 11.11 -9.40 -16.13
CA GLY B 224 10.83 -10.62 -15.38
C GLY B 224 11.72 -11.80 -15.73
N GLN B 225 11.99 -12.66 -14.76
CA GLN B 225 12.72 -13.91 -15.01
C GLN B 225 12.25 -14.87 -13.92
N GLY B 226 11.04 -15.43 -14.16
CA GLY B 226 10.27 -16.05 -13.06
C GLY B 226 10.91 -17.30 -12.51
N ASN B 227 10.86 -17.45 -11.19
CA ASN B 227 11.24 -18.70 -10.59
C ASN B 227 10.54 -18.77 -9.27
N ALA B 228 9.55 -19.66 -9.16
CA ALA B 228 8.69 -19.59 -7.96
C ALA B 228 9.44 -19.87 -6.63
N PRO B 229 10.35 -20.86 -6.58
CA PRO B 229 11.06 -21.06 -5.30
C PRO B 229 11.85 -19.81 -4.87
N SER B 230 12.43 -19.11 -5.83
CA SER B 230 13.20 -17.87 -5.53
C SER B 230 12.26 -16.74 -5.10
N CYS B 231 11.14 -16.63 -5.81
CA CYS B 231 10.15 -15.60 -5.41
C CYS B 231 9.67 -15.90 -4.00
N LYS B 232 9.36 -17.17 -3.72
CA LYS B 232 8.88 -17.59 -2.40
C LYS B 232 9.89 -17.21 -1.31
N GLU B 233 11.19 -17.42 -1.57
CA GLU B 233 12.22 -16.99 -0.59
CA GLU B 233 12.22 -17.00 -0.60
C GLU B 233 12.20 -15.50 -0.32
N GLU B 234 11.96 -14.69 -1.35
CA GLU B 234 11.88 -13.25 -1.14
C GLU B 234 10.67 -12.94 -0.27
N VAL B 235 9.52 -13.54 -0.63
CA VAL B 235 8.32 -13.24 0.16
C VAL B 235 8.44 -13.72 1.63
N THR B 236 9.13 -14.85 1.80
CA THR B 236 9.39 -15.35 3.14
C THR B 236 10.17 -14.31 4.00
N SER B 237 11.09 -13.55 3.42
CA SER B 237 11.77 -12.59 4.27
CA SER B 237 11.76 -12.52 4.21
C SER B 237 10.81 -11.52 4.82
N LEU B 238 9.79 -11.13 4.05
CA LEU B 238 8.73 -10.27 4.58
C LEU B 238 7.93 -11.01 5.66
N MET B 239 7.54 -12.25 5.40
CA MET B 239 6.77 -13.03 6.41
CA MET B 239 6.76 -12.89 6.45
C MET B 239 7.51 -13.14 7.74
N ASN B 240 8.77 -13.55 7.66
CA ASN B 240 9.46 -13.97 8.87
C ASN B 240 10.49 -12.96 9.37
N SER B 241 11.38 -12.43 8.54
CA SER B 241 12.31 -11.38 9.01
C SER B 241 11.64 -10.08 9.42
N VAL B 242 10.55 -9.72 8.75
CA VAL B 242 9.80 -8.51 9.14
C VAL B 242 8.70 -8.86 10.12
N HIS B 243 7.71 -9.65 9.70
CA HIS B 243 6.51 -9.86 10.56
C HIS B 243 6.62 -10.94 11.63
N LYS B 244 7.66 -11.74 11.55
CA LYS B 244 7.86 -12.85 12.46
C LYS B 244 6.67 -13.81 12.47
N VAL B 245 6.12 -14.14 11.28
CA VAL B 245 4.94 -15.03 11.30
C VAL B 245 5.31 -16.41 11.88
N ASN B 246 6.46 -16.93 11.47
CA ASN B 246 6.86 -18.29 11.90
C ASN B 246 6.98 -18.35 13.41
N GLN B 247 7.65 -17.36 13.99
CA GLN B 247 7.90 -17.36 15.44
C GLN B 247 6.62 -17.29 16.23
N GLN B 248 5.65 -16.53 15.72
CA GLN B 248 4.40 -16.36 16.41
C GLN B 248 3.47 -17.55 16.23
N ILE B 249 3.44 -18.18 15.07
CA ILE B 249 2.36 -19.13 14.79
C ILE B 249 2.84 -20.58 14.95
N GLN B 250 4.05 -20.88 14.49
CA GLN B 250 4.44 -22.30 14.41
C GLN B 250 4.48 -23.03 15.73
N PRO B 251 4.99 -22.39 16.79
CA PRO B 251 5.02 -23.14 18.08
C PRO B 251 3.59 -23.48 18.52
N LEU B 252 2.62 -22.63 18.19
CA LEU B 252 1.25 -22.83 18.67
C LEU B 252 0.59 -23.88 17.85
N LEU B 253 0.82 -23.90 16.52
CA LEU B 253 0.23 -24.98 15.72
C LEU B 253 0.85 -26.34 16.03
N ALA B 254 2.13 -26.35 16.39
CA ALA B 254 2.83 -27.60 16.80
C ALA B 254 2.10 -28.24 17.96
N LEU B 255 1.66 -27.40 18.90
CA LEU B 255 1.01 -27.90 20.13
C LEU B 255 -0.50 -28.11 19.94
N ASN B 256 -1.05 -27.59 18.85
CA ASN B 256 -2.48 -27.54 18.64
C ASN B 256 -2.79 -27.91 17.21
N PRO B 257 -2.44 -29.15 16.82
CA PRO B 257 -2.52 -29.39 15.38
C PRO B 257 -3.92 -29.33 14.85
N VAL B 258 -3.97 -28.88 13.61
CA VAL B 258 -5.19 -28.77 12.94
C VAL B 258 -5.30 -29.95 12.00
N ASN B 259 -6.44 -30.59 12.06
CA ASN B 259 -6.77 -31.70 11.19
C ASN B 259 -7.28 -31.35 9.79
N GLU B 260 -8.06 -30.25 9.69
CA GLU B 260 -8.61 -29.81 8.40
CA GLU B 260 -8.56 -29.81 8.39
C GLU B 260 -8.40 -28.30 8.28
N TRP B 261 -7.86 -27.87 7.17
CA TRP B 261 -7.75 -26.42 6.91
C TRP B 261 -8.72 -25.98 5.84
N TYR B 262 -9.39 -24.86 6.09
CA TYR B 262 -10.28 -24.24 5.11
C TYR B 262 -9.80 -22.82 4.89
N SER B 263 -9.83 -22.37 3.63
CA SER B 263 -9.34 -21.04 3.29
CA SER B 263 -9.39 -21.02 3.32
C SER B 263 -10.42 -20.33 2.49
N ILE B 264 -10.54 -19.01 2.72
CA ILE B 264 -11.42 -18.15 1.94
C ILE B 264 -10.58 -16.97 1.51
N GLY B 265 -11.13 -16.19 0.58
CA GLY B 265 -10.38 -14.99 0.09
C GLY B 265 -9.74 -15.26 -1.26
N GLY B 266 -8.69 -14.51 -1.56
CA GLY B 266 -8.09 -14.48 -2.89
C GLY B 266 -7.61 -15.83 -3.36
N ILE B 267 -7.20 -16.68 -2.41
CA ILE B 267 -6.68 -17.97 -2.83
C ILE B 267 -7.74 -18.75 -3.59
N SER B 268 -9.01 -18.59 -3.22
CA SER B 268 -10.09 -19.34 -3.93
C SER B 268 -10.13 -18.89 -5.41
N ASN B 269 -9.96 -17.59 -5.63
CA ASN B 269 -9.97 -17.08 -7.01
C ASN B 269 -8.79 -17.60 -7.78
N LEU B 270 -7.61 -17.64 -7.15
N LEU B 270 -7.61 -17.61 -7.15
CA LEU B 270 -6.41 -18.11 -7.87
CA LEU B 270 -6.40 -18.11 -7.83
C LEU B 270 -6.48 -19.61 -8.17
C LEU B 270 -6.59 -19.58 -8.20
N ALA B 271 -7.00 -20.40 -7.23
CA ALA B 271 -7.04 -21.86 -7.43
C ALA B 271 -8.11 -22.24 -8.44
N SER B 272 -9.11 -21.39 -8.61
CA SER B 272 -10.26 -21.58 -9.51
CA SER B 272 -10.20 -21.71 -9.52
C SER B 272 -10.03 -21.03 -10.88
N SER B 273 -8.90 -20.34 -11.05
CA SER B 273 -8.68 -19.64 -12.31
C SER B 273 -8.42 -20.60 -13.46
N GLN B 274 -8.46 -20.09 -14.68
CA GLN B 274 -8.11 -20.92 -15.82
C GLN B 274 -6.66 -21.42 -15.84
N LEU B 275 -5.77 -20.78 -15.10
CA LEU B 275 -4.36 -21.15 -15.17
C LEU B 275 -4.00 -22.32 -14.28
N PHE B 276 -4.81 -22.56 -13.23
CA PHE B 276 -4.50 -23.58 -12.26
C PHE B 276 -5.53 -24.71 -12.38
N HIS B 277 -5.13 -25.90 -11.96
CA HIS B 277 -5.99 -27.07 -12.06
C HIS B 277 -5.99 -27.79 -10.72
N PHE B 278 -7.12 -27.69 -10.02
CA PHE B 278 -7.33 -28.40 -8.77
C PHE B 278 -8.68 -29.05 -8.78
N GLU B 279 -8.72 -30.23 -8.20
CA GLU B 279 -9.96 -30.98 -8.05
C GLU B 279 -10.54 -30.79 -6.63
N ASN B 280 -11.87 -30.94 -6.52
CA ASN B 280 -12.53 -31.10 -5.21
C ASN B 280 -12.34 -29.88 -4.31
N SER B 281 -12.16 -28.72 -4.93
CA SER B 281 -12.00 -27.45 -4.20
CA SER B 281 -11.93 -27.41 -4.25
C SER B 281 -10.93 -27.56 -3.13
N GLU B 282 -9.83 -28.23 -3.48
CA GLU B 282 -8.75 -28.33 -2.51
C GLU B 282 -7.39 -28.27 -3.22
N LEU B 283 -6.37 -27.88 -2.50
CA LEU B 283 -5.05 -27.79 -3.08
C LEU B 283 -4.03 -28.26 -2.05
N THR B 284 -2.78 -28.45 -2.52
CA THR B 284 -1.67 -28.52 -1.60
C THR B 284 -0.72 -27.39 -1.98
N ASN B 285 0.06 -27.00 -0.99
CA ASN B 285 1.01 -25.90 -1.31
C ASN B 285 2.06 -26.34 -2.32
N GLN B 286 2.45 -27.63 -2.23
CA GLN B 286 3.48 -28.14 -3.12
C GLN B 286 2.96 -28.01 -4.55
N SER B 287 1.72 -28.43 -4.78
CA SER B 287 1.14 -28.34 -6.12
C SER B 287 0.97 -26.87 -6.54
N LEU B 288 0.49 -26.04 -5.61
CA LEU B 288 0.29 -24.64 -5.98
C LEU B 288 1.61 -24.00 -6.46
N LEU B 289 2.69 -24.24 -5.73
CA LEU B 289 3.98 -23.65 -6.09
C LEU B 289 4.46 -24.17 -7.45
N GLN B 290 4.34 -25.48 -7.65
CA GLN B 290 4.80 -26.10 -8.88
CA GLN B 290 4.81 -26.09 -8.90
C GLN B 290 4.00 -25.56 -10.09
N GLN B 291 2.69 -25.43 -9.91
CA GLN B 291 1.85 -24.97 -11.00
C GLN B 291 2.19 -23.54 -11.32
N GLY B 292 2.37 -22.71 -10.28
CA GLY B 292 2.71 -21.30 -10.54
C GLY B 292 4.04 -21.25 -11.29
N ASP B 293 4.98 -22.06 -10.85
CA ASP B 293 6.35 -21.98 -11.37
C ASP B 293 6.33 -22.34 -12.85
N ASN B 294 5.66 -23.45 -13.19
CA ASN B 294 5.72 -23.97 -14.55
C ASN B 294 4.69 -23.30 -15.48
N GLN B 295 3.50 -22.93 -14.97
CA GLN B 295 2.45 -22.40 -15.83
CA GLN B 295 2.47 -22.40 -15.87
C GLN B 295 2.52 -20.87 -15.99
N ILE B 296 3.26 -20.20 -15.11
CA ILE B 296 3.37 -18.72 -15.17
CA ILE B 296 3.38 -18.73 -15.26
C ILE B 296 4.83 -18.26 -15.12
N CYS B 297 5.51 -18.62 -14.02
CA CYS B 297 6.89 -18.04 -13.81
C CYS B 297 7.86 -18.26 -14.97
N HIS B 298 7.85 -19.49 -15.49
CA HIS B 298 8.82 -19.87 -16.51
C HIS B 298 8.30 -19.70 -17.93
N GLN B 299 7.17 -19.00 -18.05
CA GLN B 299 6.53 -18.74 -19.38
C GLN B 299 6.95 -17.38 -19.90
N GLN B 300 6.78 -17.17 -21.19
CA GLN B 300 7.11 -15.84 -21.77
CA GLN B 300 7.13 -15.89 -21.80
C GLN B 300 5.91 -14.97 -21.63
N TRP B 301 6.09 -13.80 -20.99
CA TRP B 301 4.95 -12.93 -20.67
C TRP B 301 4.04 -12.56 -21.85
N ASP B 302 4.59 -12.06 -22.97
CA ASP B 302 3.66 -11.56 -23.99
CA ASP B 302 3.77 -11.59 -24.09
C ASP B 302 2.85 -12.69 -24.60
N ILE B 303 3.47 -13.87 -24.71
CA ILE B 303 2.79 -15.07 -25.20
C ILE B 303 1.64 -15.49 -24.27
N LEU B 304 1.96 -15.60 -22.96
CA LEU B 304 0.98 -16.05 -21.99
C LEU B 304 -0.14 -15.01 -21.84
N ASN B 305 0.22 -13.72 -21.87
CA ASN B 305 -0.78 -12.66 -21.72
C ASN B 305 -1.80 -12.77 -22.89
N GLY B 306 -1.31 -13.00 -24.10
CA GLY B 306 -2.16 -13.10 -25.29
C GLY B 306 -3.03 -14.37 -25.20
N GLN B 307 -2.47 -15.44 -24.63
CA GLN B 307 -3.27 -16.69 -24.48
C GLN B 307 -4.42 -16.57 -23.48
N TYR B 308 -4.25 -15.75 -22.44
CA TYR B 308 -5.20 -15.66 -21.32
C TYR B 308 -5.64 -14.22 -21.06
N PRO B 309 -6.41 -13.65 -21.98
CA PRO B 309 -6.78 -12.22 -21.85
C PRO B 309 -7.79 -11.91 -20.78
N ASP B 310 -8.48 -12.91 -20.24
CA ASP B 310 -9.63 -12.57 -19.36
C ASP B 310 -9.35 -12.83 -17.88
N ASP B 311 -8.12 -12.56 -17.48
CA ASP B 311 -7.85 -12.67 -16.08
C ASP B 311 -6.99 -11.53 -15.65
N GLU B 312 -7.58 -10.59 -14.91
CA GLU B 312 -6.91 -9.35 -14.58
C GLU B 312 -5.72 -9.56 -13.69
N TYR B 313 -5.69 -10.65 -12.97
CA TYR B 313 -4.56 -10.89 -12.07
C TYR B 313 -3.47 -11.77 -12.68
N LEU B 314 -3.57 -12.12 -13.97
CA LEU B 314 -2.63 -13.07 -14.61
C LEU B 314 -1.20 -12.61 -14.33
N TYR B 315 -0.95 -11.30 -14.42
CA TYR B 315 0.43 -10.88 -14.30
C TYR B 315 1.06 -11.17 -12.92
N GLN B 316 0.18 -11.38 -11.91
CA GLN B 316 0.66 -11.61 -10.53
C GLN B 316 0.66 -13.08 -10.19
N TYR B 317 0.36 -13.97 -11.13
CA TYR B 317 0.12 -15.37 -10.66
C TYR B 317 1.40 -16.06 -10.18
N CYS B 318 2.56 -15.66 -10.73
CA CYS B 318 3.84 -16.22 -10.30
C CYS B 318 4.07 -15.76 -8.88
N LEU B 319 3.87 -14.44 -8.65
CA LEU B 319 4.02 -13.89 -7.29
C LEU B 319 3.02 -14.49 -6.28
N LEU B 320 1.76 -14.59 -6.71
CA LEU B 320 0.72 -15.07 -5.76
C LEU B 320 0.92 -16.50 -5.34
N SER B 321 1.23 -17.39 -6.29
CA SER B 321 1.47 -18.79 -5.94
C SER B 321 2.66 -18.84 -4.97
N SER B 322 3.70 -18.06 -5.23
CA SER B 322 4.88 -18.00 -4.33
C SER B 322 4.55 -17.47 -2.93
N TYR B 323 3.76 -16.41 -2.94
CA TYR B 323 3.32 -15.80 -1.68
C TYR B 323 2.45 -16.71 -0.82
N TYR B 324 1.44 -17.43 -1.38
CA TYR B 324 0.63 -18.28 -0.53
C TYR B 324 1.51 -19.37 0.08
N TYR B 325 2.45 -19.98 -0.70
CA TYR B 325 3.38 -20.94 -0.16
C TYR B 325 4.23 -20.33 0.95
N ALA B 326 4.80 -19.14 0.71
CA ALA B 326 5.61 -18.49 1.73
C ALA B 326 4.79 -18.31 3.00
N LEU B 327 3.54 -17.84 2.86
CA LEU B 327 2.66 -17.62 4.05
C LEU B 327 2.33 -18.92 4.77
N MET B 328 1.83 -19.89 4.02
CA MET B 328 1.29 -21.12 4.69
C MET B 328 2.40 -22.06 5.13
N VAL B 329 3.44 -22.22 4.32
CA VAL B 329 4.50 -23.20 4.61
C VAL B 329 5.61 -22.56 5.46
N ASP B 330 6.27 -21.53 4.94
CA ASP B 330 7.36 -20.89 5.68
C ASP B 330 6.86 -20.08 6.88
N GLY B 331 5.66 -19.50 6.78
CA GLY B 331 5.11 -18.70 7.89
C GLY B 331 4.43 -19.64 8.88
N TYR B 332 3.27 -20.21 8.51
CA TYR B 332 2.47 -20.92 9.51
C TYR B 332 3.04 -22.29 9.80
N GLY B 333 3.93 -22.79 8.95
CA GLY B 333 4.49 -24.13 9.25
C GLY B 333 3.71 -25.28 8.66
N ILE B 334 2.75 -25.01 7.77
CA ILE B 334 1.93 -26.09 7.23
C ILE B 334 2.78 -26.95 6.28
N ASN B 335 2.59 -28.28 6.34
CA ASN B 335 3.29 -29.16 5.44
C ASN B 335 2.93 -28.91 4.00
N PRO B 336 3.93 -28.82 3.11
CA PRO B 336 3.55 -28.57 1.70
C PRO B 336 2.57 -29.59 1.10
N ASN B 337 2.49 -30.80 1.68
CA ASN B 337 1.60 -31.85 1.14
C ASN B 337 0.24 -31.93 1.83
N GLN B 338 0.03 -31.09 2.83
CA GLN B 338 -1.24 -31.06 3.54
C GLN B 338 -2.36 -30.45 2.65
N THR B 339 -3.51 -31.10 2.58
CA THR B 339 -4.64 -30.58 1.81
C THR B 339 -5.10 -29.30 2.43
N ILE B 340 -5.35 -28.28 1.60
CA ILE B 340 -5.99 -27.02 2.05
C ILE B 340 -7.26 -26.90 1.27
N HIS B 341 -8.42 -27.01 1.95
CA HIS B 341 -9.68 -26.77 1.25
C HIS B 341 -9.85 -25.27 1.03
N TYR B 342 -10.38 -24.91 -0.12
CA TYR B 342 -10.74 -23.50 -0.38
C TYR B 342 -12.21 -23.44 -0.72
N ILE B 343 -12.89 -22.42 -0.22
CA ILE B 343 -14.31 -22.32 -0.50
C ILE B 343 -14.48 -21.78 -1.93
N PRO B 344 -15.33 -22.40 -2.76
CA PRO B 344 -15.44 -21.86 -4.12
C PRO B 344 -15.85 -20.38 -4.11
N PRO B 345 -15.19 -19.57 -4.98
CA PRO B 345 -15.41 -18.12 -5.01
C PRO B 345 -16.89 -17.78 -5.30
N GLU B 346 -17.60 -18.64 -6.06
CA GLU B 346 -19.06 -18.48 -6.35
C GLU B 346 -19.97 -18.44 -5.13
N GLN B 347 -19.55 -19.07 -4.03
CA GLN B 347 -20.32 -19.06 -2.83
C GLN B 347 -20.32 -17.71 -2.12
N ASN B 348 -19.37 -16.83 -2.45
CA ASN B 348 -19.30 -15.50 -1.81
C ASN B 348 -19.30 -15.64 -0.28
N LEU B 349 -18.61 -16.67 0.23
CA LEU B 349 -18.60 -16.89 1.67
C LEU B 349 -17.50 -16.07 2.33
N ASP B 350 -17.94 -15.03 3.04
CA ASP B 350 -16.98 -14.22 3.80
C ASP B 350 -17.30 -14.46 5.28
N TRP B 351 -16.88 -13.58 6.16
CA TRP B 351 -17.04 -13.81 7.61
C TRP B 351 -18.41 -13.32 8.15
N THR B 352 -19.26 -12.80 7.26
CA THR B 352 -20.46 -12.11 7.78
C THR B 352 -21.45 -13.01 8.53
N ILE B 353 -21.53 -14.30 8.23
CA ILE B 353 -22.39 -15.16 9.05
C ILE B 353 -21.93 -15.15 10.51
N GLY B 354 -20.60 -15.02 10.70
CA GLY B 354 -20.07 -14.88 12.06
C GLY B 354 -20.70 -13.77 12.89
N VAL B 355 -21.06 -12.65 12.24
CA VAL B 355 -21.71 -11.54 12.91
C VAL B 355 -23.14 -11.94 13.31
N VAL B 356 -23.84 -12.62 12.41
CA VAL B 356 -25.20 -13.11 12.69
C VAL B 356 -25.18 -13.93 13.99
N LEU B 357 -24.19 -14.83 14.07
CA LEU B 357 -24.12 -15.73 15.22
C LEU B 357 -23.60 -15.10 16.51
N HIS B 358 -22.62 -14.22 16.41
N HIS B 358 -22.58 -14.27 16.33
CA HIS B 358 -21.82 -13.90 17.61
CA HIS B 358 -21.79 -13.66 17.39
C HIS B 358 -22.58 -12.98 18.53
C HIS B 358 -22.24 -12.22 17.50
N ARG B 359 -23.46 -12.13 17.98
CA ARG B 359 -23.99 -11.08 18.84
CA ARG B 359 -24.14 -11.04 18.71
C ARG B 359 -25.00 -11.67 19.82
N ALA B 360 -25.44 -12.93 19.57
CA ALA B 360 -26.37 -13.61 20.46
C ALA B 360 -25.60 -14.38 21.54
N LEU B 361 -24.28 -14.44 21.38
CA LEU B 361 -23.42 -15.18 22.32
C LEU B 361 -22.87 -14.31 23.45
O2A TMV C . 3.20 11.99 -3.55
PA TMV C . 4.62 11.64 -3.66
O1A TMV C . 5.38 12.55 -4.62
O3A TMV C . 4.96 10.14 -4.02
VB TMV C . 6.11 9.17 -5.22
O4B TMV C . 4.82 9.04 -6.31
O1B TMV C . 7.31 10.63 -5.20
O3B TMV C . 7.43 8.36 -6.69
O2B TMV C . 6.39 7.82 -4.24
O7 TMV C . 5.25 11.94 -2.20
O7 TMV C . 5.32 11.72 -2.22
C7 TMV C . 5.28 13.30 -1.73
C7 TMV C . 5.90 12.89 -1.67
C6 TMV C . 6.11 13.42 -0.44
C6 TMV C . 5.84 12.78 -0.15
C5 TMV C . 5.35 13.06 0.85
C5 TMV C . 5.01 13.93 0.41
C4 TMV C . 4.52 14.09 1.49
C4 TMV C . 4.38 13.86 1.77
CM4 TMV C . 4.79 15.57 1.45
CM4 TMV C . 3.87 12.61 2.40
N3 TMV C . 3.54 13.59 2.13
N3 TMV C . 4.29 15.00 2.35
C2 TMV C . 3.21 12.42 1.79
C2 TMV C . 5.10 15.85 1.88
S1 TMV C . 4.32 11.61 0.79
S1 TMV C . 6.01 15.37 0.56
C7' TMV C . 2.80 14.29 3.18
C7' TMV C . 3.42 15.38 3.47
C5' TMV C . 3.51 14.42 4.53
C5' TMV C . 4.02 14.97 4.79
C4' TMV C . 3.31 15.62 5.42
C4' TMV C . 3.60 15.61 6.09
N4' TMV C . 2.55 16.68 5.04
N4' TMV C . 2.67 16.58 6.14
N3' TMV C . 3.92 15.62 6.64
N3' TMV C . 4.22 15.20 7.23
C2' TMV C . 4.72 14.58 7.02
C2' TMV C . 5.19 14.24 7.16
CM2 TMV C . 5.41 14.60 8.34
CM2 TMV C . 5.85 13.79 8.43
N1' TMV C . 4.91 13.51 6.22
N1' TMV C . 5.56 13.64 6.01
C6' TMV C . 4.33 13.39 5.00
C6' TMV C . 5.01 14.00 4.82
MG MG D . 7.19 12.61 -5.58
O1 MES E . 15.43 -9.13 -4.30
C2 MES E . 16.18 -8.09 -3.64
C3 MES E . 16.24 -6.81 -4.47
N4 MES E . 15.16 -6.87 -5.49
C5 MES E . 15.36 -7.97 -6.47
C6 MES E . 15.61 -9.28 -5.72
C7 MES E . 14.98 -5.59 -6.14
C8 MES E . 14.16 -4.87 -5.08
S MES E . 14.52 -3.25 -5.10
O1S MES E . 15.97 -2.97 -5.14
O2S MES E . 13.94 -2.73 -6.35
O3S MES E . 13.78 -2.65 -3.98
O28 DVT F . -0.73 18.41 -1.81
V10 DVT F . -0.28 18.74 -0.29
O18 DVT F . -1.99 19.20 0.40
O15 DVT F . -0.35 17.09 0.58
V1 DVT F . -0.06 17.23 2.39
O5 DVT F . -0.21 15.67 2.87
O27 DVT F . 1.60 18.69 -0.17
V9 DVT F . 2.32 18.95 1.52
O2 DVT F . 0.16 19.45 1.91
O4 DVT F . 1.76 17.40 2.18
O8 DVT F . 2.33 19.76 3.37
O26 DVT F . 3.89 18.87 1.29
O24 DVT F . 2.17 20.89 1.02
V7 DVT F . 2.80 21.61 2.78
O11 DVT F . 2.66 22.17 4.46
O25 DVT F . 4.39 21.36 2.54
O21 DVT F . 2.41 23.22 1.92
V6 DVT F . 0.67 23.92 2.09
O19 DVT F . -1.19 23.77 2.38
O22 DVT F . 0.73 25.39 1.40
O6 DVT F . 0.90 24.21 3.89
V8 DVT F . 0.30 21.32 0.89
O20 DVT F . 0.38 22.90 0.36
O23 DVT F . 0.09 20.67 -0.59
O16 DVT F . 0.57 21.76 2.90
V5 DVT F . 0.94 22.72 5.01
O14 DVT F . 1.22 23.30 6.48
O7 DVT F . 0.76 20.71 5.38
V2 DVT F . 0.52 19.84 3.94
O1 DVT F . 0.26 18.18 4.21
O17 DVT F . -1.55 21.42 1.48
V4 DVT F . -1.60 22.25 3.30
O13 DVT F . -0.96 22.68 4.93
O12 DVT F . -3.21 22.30 3.34
O9 DVT F . -1.35 20.34 3.86
V3 DVT F . -2.03 19.62 2.14
O3 DVT F . -1.79 17.87 2.67
O10 DVT F . -3.59 19.83 2.52
CL CL G . -5.37 -5.45 13.00
O2A TMV H . -11.24 -6.99 0.06
PA TMV H . -10.79 -7.98 1.07
O1A TMV H . -11.89 -8.58 1.91
O3A TMV H . -9.59 -7.45 1.97
VB TMV H . -9.32 -7.46 3.95
O4B TMV H . -10.06 -5.90 4.10
O1B TMV H . -10.22 -9.13 4.11
O3B TMV H . -9.22 -7.57 5.98
O2B TMV H . -7.69 -7.41 3.84
O7 TMV H . -10.09 -9.21 0.33
C7 TMV H . -10.92 -10.16 -0.38
C6 TMV H . -10.00 -11.18 -1.01
C5 TMV H . -9.39 -10.81 -2.39
C4 TMV H . -9.97 -10.89 -3.73
CM4 TMV H . -11.04 -11.86 -4.22
N3 TMV H . -9.33 -10.15 -4.57
C2 TMV H . -8.48 -9.33 -4.11
S1 TMV H . -8.35 -9.34 -2.44
C7' TMV H . -9.63 -10.26 -5.99
C5' TMV H . -8.79 -11.37 -6.63
C4' TMV H . -9.21 -12.03 -7.90
N4' TMV H . -10.37 -11.70 -8.52
N3' TMV H . -8.37 -12.94 -8.44
C2' TMV H . -7.23 -13.32 -7.79
CM2 TMV H . -6.36 -14.36 -8.44
N1' TMV H . -6.84 -12.78 -6.63
C6' TMV H . -7.61 -11.80 -6.06
MG MG I . -12.07 -9.75 3.57
O1 MES J . 7.87 -7.57 15.01
C2 MES J . 7.27 -6.47 15.75
C3 MES J . 5.74 -6.42 15.88
N4 MES J . 4.99 -7.58 15.35
C5 MES J . 5.79 -8.77 15.07
C6 MES J . 6.99 -8.37 14.22
C7 MES J . 4.27 -7.20 14.12
C8 MES J . 2.80 -7.47 14.29
S MES J . 2.24 -8.67 13.23
O1S MES J . 2.68 -8.65 11.82
O2S MES J . 0.83 -8.28 13.08
O3S MES J . 2.23 -9.98 13.91
O28 DVT K . -16.04 -7.13 -5.83
V10 DVT K . -15.53 -8.25 -6.91
O18 DVT K . -15.94 -7.33 -8.52
O15 DVT K . -13.71 -7.83 -7.12
V1 DVT K . -12.79 -8.84 -8.34
O5 DVT K . -11.24 -8.23 -8.51
O27 DVT K . -15.13 -9.80 -5.91
V9 DVT K . -14.27 -11.13 -6.84
O2 DVT K . -14.85 -9.79 -8.53
O4 DVT K . -12.68 -10.28 -7.10
O8 DVT K . -13.90 -12.21 -8.43
O26 DVT K . -13.98 -12.31 -5.78
O24 DVT K . -16.11 -11.82 -7.31
V7 DVT K . -15.54 -13.36 -8.44
O11 DVT K . -14.89 -14.14 -9.91
O25 DVT K . -15.19 -14.37 -7.22
O21 DVT K . -17.32 -13.70 -8.72
V6 DVT K . -18.09 -12.69 -10.09
O19 DVT K . -18.19 -11.27 -11.37
O22 DVT K . -19.64 -13.28 -10.04
O6 DVT K . -17.17 -13.58 -11.35
V8 DVT K . -16.84 -10.52 -8.49
O20 DVT K . -18.35 -11.24 -8.72
O23 DVT K . -17.20 -9.35 -7.36
O16 DVT K . -16.00 -11.74 -9.93
V5 DVT K . -15.37 -13.30 -11.57
O14 DVT K . -14.88 -14.39 -12.67
O7 DVT K . -13.69 -12.31 -11.08
V2 DVT K . -14.01 -11.05 -9.96
O1 DVT K . -12.52 -10.29 -9.75
O17 DVT K . -16.95 -9.33 -10.01
V4 DVT K . -16.60 -10.45 -11.65
O13 DVT K . -15.85 -11.79 -12.61
O12 DVT K . -16.84 -9.24 -12.69
O9 DVT K . -14.80 -9.76 -11.11
V3 DVT K . -15.37 -8.17 -10.00
O3 DVT K . -13.59 -7.91 -9.76
O10 DVT K . -15.68 -7.10 -11.18
C1 GOL L . -35.15 -18.94 7.98
O1 GOL L . -33.97 -18.61 7.24
C2 GOL L . -35.55 -20.35 7.53
O2 GOL L . -36.56 -20.79 8.41
C3 GOL L . -36.14 -20.30 6.13
O3 GOL L . -36.43 -21.66 5.77
CL CL M . 10.33 1.74 -10.52
#